data_2YEQ
#
_entry.id   2YEQ
#
_cell.length_a   147.318
_cell.length_b   147.318
_cell.length_c   347.646
_cell.angle_alpha   90.00
_cell.angle_beta   90.00
_cell.angle_gamma   90.00
#
_symmetry.space_group_name_H-M   'I 41 2 2'
#
loop_
_entity.id
_entity.type
_entity.pdbx_description
1 polymer 'ALKALINE PHOSPHATASE D'
2 non-polymer 3,6,9,12,15,18,21,24-OCTAOXAHEXACOSAN-1-OL
3 non-polymer 1,2-ETHANEDIOL
4 non-polymer 'SODIUM ION'
5 non-polymer 'FE (III) ION'
6 non-polymer 'CALCIUM ION'
7 non-polymer 'PHOSPHATE ION'
8 water water
#
_entity_poly.entity_id   1
_entity_poly.type   'polypeptide(L)'
_entity_poly.pdbx_seq_one_letter_code
;APNFSSYPFTLGVASGDPLSDSVVLWTRLAPDPLNGGGMPKQAVPVKWEVAKDEHFRKIVRKGTEMAKPSLAHSVHVEAD
GLEPNKVYYYRFKTGHELSPVGKTKTLPAPGANVPQMTFAFASCQQYEHGYYTAYKHMAKEKLDLVFHLGDYIYEYGPNE
YVSKTGNVRTHNSAEIITLQDYRNRHAQYRSDANLKAAHAAFPWVVTWDDHEVENNYANKIPEKGQSVEAFVLRRAAAYQ
AYYEHMPLRISSLPNGPDMQLYRHFTYGNLASFNVLDTRQYRDDQANNDGNKPPSDESRNPNRTLLGKEQEQWLFNNLGS
STAHWNVLAQQIFFAKWNFGTSASPIYSMDSWDGYPAQRERVINFIKSKNLNNVVVLTGDVHASWASNLHVDFEKTSSKI
FGAEFVGTSITSGGNGADKRADTDQILKENPHIQFFNDYRGYVRCTVTPHQWKADYRVMPFVTEPGAAISTRASFVYQKD
QTGLRKVSSTTIQGGVKQSDEVEEDRFFSHNKAHEKQMIKKRAKITN
;
_entity_poly.pdbx_strand_id   A,B
#
loop_
_chem_comp.id
_chem_comp.type
_chem_comp.name
_chem_comp.formula
CA non-polymer 'CALCIUM ION' 'Ca 2'
EDO non-polymer 1,2-ETHANEDIOL 'C2 H6 O2'
FE non-polymer 'FE (III) ION' 'Fe 3'
NA non-polymer 'SODIUM ION' 'Na 1'
PE5 non-polymer 3,6,9,12,15,18,21,24-OCTAOXAHEXACOSAN-1-OL 'C18 H38 O9'
PO4 non-polymer 'PHOSPHATE ION' 'O4 P -3'
#
# COMPACT_ATOMS: atom_id res chain seq x y z
N ALA A 1 -47.07 5.13 3.02
CA ALA A 1 -47.57 6.07 4.05
C ALA A 1 -46.61 6.12 5.22
N PRO A 2 -45.34 6.43 4.97
CA PRO A 2 -44.42 6.64 6.08
C PRO A 2 -44.81 7.89 6.86
N ASN A 3 -44.72 7.82 8.17
CA ASN A 3 -44.97 8.95 9.04
C ASN A 3 -43.74 9.14 9.90
N PHE A 4 -43.44 10.38 10.22
CA PHE A 4 -42.23 10.75 10.91
C PHE A 4 -42.54 11.50 12.16
N SER A 5 -41.70 11.31 13.17
CA SER A 5 -41.81 12.01 14.42
C SER A 5 -41.02 13.33 14.35
N SER A 6 -40.20 13.48 13.33
CA SER A 6 -39.46 14.72 13.12
C SER A 6 -39.23 14.92 11.63
N TYR A 7 -39.07 16.17 11.22
CA TYR A 7 -38.91 16.52 9.81
C TYR A 7 -37.69 15.75 9.22
N PRO A 8 -37.90 14.98 8.16
CA PRO A 8 -36.82 14.06 7.74
C PRO A 8 -35.71 14.68 6.88
N PHE A 9 -35.97 15.81 6.24
CA PHE A 9 -35.01 16.36 5.28
C PHE A 9 -34.07 17.37 5.98
N THR A 10 -33.46 16.93 7.08
CA THR A 10 -32.61 17.77 7.91
C THR A 10 -31.30 18.14 7.20
N LEU A 11 -30.94 17.39 6.16
CA LEU A 11 -29.70 17.67 5.40
C LEU A 11 -30.02 18.35 4.08
N GLY A 12 -31.27 18.77 3.92
CA GLY A 12 -31.70 19.47 2.73
C GLY A 12 -31.71 18.62 1.48
N VAL A 13 -31.45 19.28 0.36
CA VAL A 13 -31.42 18.67 -0.94
C VAL A 13 -30.18 19.12 -1.71
N ALA A 14 -29.91 18.46 -2.82
CA ALA A 14 -28.74 18.81 -3.63
C ALA A 14 -28.96 18.30 -5.02
N SER A 15 -28.21 18.86 -5.97
CA SER A 15 -28.18 18.35 -7.33
C SER A 15 -26.76 18.36 -7.86
N GLY A 16 -26.53 17.59 -8.89
CA GLY A 16 -25.17 17.45 -9.36
C GLY A 16 -24.96 16.68 -10.63
N ASP A 17 -23.70 16.67 -11.02
CA ASP A 17 -23.25 15.97 -12.22
C ASP A 17 -24.17 16.18 -13.39
N PRO A 18 -24.42 17.44 -13.73
CA PRO A 18 -25.33 17.74 -14.82
C PRO A 18 -24.75 17.33 -16.14
N LEU A 19 -25.62 16.82 -17.02
CA LEU A 19 -25.33 16.59 -18.43
C LEU A 19 -26.35 17.42 -19.23
N SER A 20 -26.34 17.31 -20.56
CA SER A 20 -27.23 18.16 -21.37
C SER A 20 -28.69 17.72 -21.29
N ASP A 21 -28.97 16.50 -20.86
CA ASP A 21 -30.34 15.99 -20.82
C ASP A 21 -30.77 15.40 -19.47
N SER A 22 -29.95 15.58 -18.43
CA SER A 22 -30.23 14.97 -17.13
C SER A 22 -29.38 15.61 -16.08
N VAL A 23 -29.75 15.35 -14.83
CA VAL A 23 -29.01 15.84 -13.68
C VAL A 23 -29.28 14.87 -12.52
N VAL A 24 -28.35 14.77 -11.58
CA VAL A 24 -28.58 13.97 -10.37
C VAL A 24 -29.29 14.84 -9.34
N LEU A 25 -30.33 14.29 -8.73
CA LEU A 25 -31.00 14.89 -7.59
C LEU A 25 -30.71 14.05 -6.35
N TRP A 26 -30.44 14.72 -5.23
CA TRP A 26 -30.04 14.06 -4.01
C TRP A 26 -30.87 14.55 -2.83
N THR A 27 -31.20 13.61 -1.95
CA THR A 27 -31.52 13.96 -0.58
C THR A 27 -31.23 12.75 0.30
N ARG A 28 -31.52 12.89 1.58
CA ARG A 28 -31.35 11.83 2.55
C ARG A 28 -32.43 12.01 3.62
N LEU A 29 -33.06 10.90 3.99
CA LEU A 29 -34.00 10.88 5.13
C LEU A 29 -33.24 10.65 6.42
N ALA A 30 -33.18 11.68 7.27
CA ALA A 30 -32.40 11.67 8.49
C ALA A 30 -33.05 12.55 9.60
N PRO A 31 -34.25 12.17 10.05
CA PRO A 31 -34.92 12.92 11.14
C PRO A 31 -34.12 13.14 12.44
N ASP A 32 -33.15 12.27 12.76
CA ASP A 32 -32.17 12.46 13.88
C ASP A 32 -30.72 12.31 13.35
N PRO A 33 -30.17 13.37 12.73
CA PRO A 33 -29.06 13.19 11.79
C PRO A 33 -27.69 12.87 12.39
N LEU A 34 -27.38 13.42 13.55
CA LEU A 34 -26.09 13.14 14.19
C LEU A 34 -26.05 11.81 14.98
N ASN A 35 -27.21 11.16 15.15
CA ASN A 35 -27.28 9.86 15.83
C ASN A 35 -27.67 8.73 14.87
N GLY A 36 -27.13 8.79 13.66
CA GLY A 36 -27.32 7.73 12.70
C GLY A 36 -28.50 7.91 11.78
N GLY A 37 -29.30 8.94 12.01
CA GLY A 37 -30.43 9.21 11.12
C GLY A 37 -31.80 8.99 11.73
N GLY A 38 -31.90 8.10 12.73
CA GLY A 38 -33.15 7.81 13.42
C GLY A 38 -34.20 7.14 12.56
N MET A 39 -33.79 6.40 11.55
CA MET A 39 -34.77 5.77 10.67
C MET A 39 -34.93 4.28 11.04
N PRO A 40 -36.10 3.71 10.76
CA PRO A 40 -36.25 2.26 10.96
C PRO A 40 -35.53 1.47 9.87
N LYS A 41 -35.25 0.21 10.14
CA LYS A 41 -34.55 -0.64 9.20
C LYS A 41 -35.51 -1.19 8.15
N GLN A 42 -36.04 -0.30 7.31
CA GLN A 42 -36.90 -0.69 6.19
C GLN A 42 -36.84 0.34 5.07
N ALA A 43 -37.14 -0.09 3.85
CA ALA A 43 -37.11 0.78 2.70
C ALA A 43 -38.30 1.72 2.76
N VAL A 44 -38.09 2.97 2.37
CA VAL A 44 -39.11 4.03 2.47
C VAL A 44 -39.25 4.69 1.09
N PRO A 45 -40.47 4.77 0.56
CA PRO A 45 -40.66 5.39 -0.73
C PRO A 45 -40.46 6.92 -0.68
N VAL A 46 -39.75 7.45 -1.67
CA VAL A 46 -39.55 8.89 -1.78
C VAL A 46 -39.93 9.32 -3.18
N LYS A 47 -40.95 10.18 -3.28
CA LYS A 47 -41.38 10.68 -4.57
C LYS A 47 -40.54 11.89 -4.93
N TRP A 48 -40.37 12.13 -6.22
CA TRP A 48 -39.63 13.28 -6.68
C TRP A 48 -40.27 13.88 -7.93
N GLU A 49 -40.09 15.19 -8.07
CA GLU A 49 -40.63 15.94 -9.19
C GLU A 49 -39.62 16.99 -9.66
N VAL A 50 -39.56 17.17 -10.97
CA VAL A 50 -38.79 18.20 -11.61
C VAL A 50 -39.76 19.07 -12.45
N ALA A 51 -39.67 20.37 -12.26
CA ALA A 51 -40.55 21.32 -12.91
C ALA A 51 -39.79 22.45 -13.57
N LYS A 52 -40.44 23.14 -14.49
CA LYS A 52 -39.87 24.34 -15.10
C LYS A 52 -40.01 25.57 -14.22
N ASP A 53 -40.86 25.47 -13.20
CA ASP A 53 -41.21 26.62 -12.37
C ASP A 53 -41.17 26.27 -10.91
N GLU A 54 -40.98 27.28 -10.08
CA GLU A 54 -40.80 27.04 -8.65
C GLU A 54 -42.08 26.66 -7.89
N HIS A 55 -43.24 26.81 -8.53
CA HIS A 55 -44.52 26.41 -7.93
C HIS A 55 -45.01 25.05 -8.43
N PHE A 56 -44.21 24.39 -9.25
CA PHE A 56 -44.49 23.02 -9.68
C PHE A 56 -45.81 22.84 -10.42
N ARG A 57 -46.17 23.86 -11.19
CA ARG A 57 -47.32 23.78 -12.07
C ARG A 57 -46.93 23.20 -13.42
N LYS A 58 -45.64 23.28 -13.75
CA LYS A 58 -45.14 22.77 -15.02
C LYS A 58 -44.15 21.62 -14.83
N ILE A 59 -44.66 20.50 -14.36
CA ILE A 59 -43.83 19.34 -14.03
C ILE A 59 -43.42 18.65 -15.32
N VAL A 60 -42.12 18.38 -15.49
CA VAL A 60 -41.62 17.68 -16.68
C VAL A 60 -41.21 16.24 -16.43
N ARG A 61 -40.98 15.88 -15.18
CA ARG A 61 -40.43 14.56 -14.88
C ARG A 61 -40.75 14.27 -13.43
N LYS A 62 -41.14 13.04 -13.14
CA LYS A 62 -41.45 12.63 -11.76
C LYS A 62 -41.24 11.14 -11.64
N GLY A 63 -41.12 10.66 -10.40
CA GLY A 63 -40.96 9.24 -10.12
C GLY A 63 -40.94 8.93 -8.63
N THR A 64 -40.61 7.69 -8.30
CA THR A 64 -40.51 7.23 -6.92
C THR A 64 -39.26 6.39 -6.77
N GLU A 65 -38.45 6.71 -5.77
CA GLU A 65 -37.28 5.91 -5.41
C GLU A 65 -37.55 5.28 -4.07
N MET A 66 -36.91 4.14 -3.81
CA MET A 66 -36.99 3.51 -2.48
C MET A 66 -35.70 3.83 -1.77
N ALA A 67 -35.78 4.67 -0.74
CA ALA A 67 -34.63 4.95 0.12
C ALA A 67 -34.40 3.73 1.02
N LYS A 68 -33.15 3.26 1.12
CA LYS A 68 -32.83 1.99 1.83
C LYS A 68 -31.87 2.20 2.97
N PRO A 69 -32.03 1.41 4.04
CA PRO A 69 -31.12 1.46 5.18
C PRO A 69 -29.65 1.24 4.80
N SER A 70 -29.38 0.37 3.82
CA SER A 70 -27.99 0.05 3.48
C SER A 70 -27.24 1.25 2.89
N LEU A 71 -27.98 2.23 2.39
CA LEU A 71 -27.40 3.51 1.95
C LEU A 71 -27.84 4.72 2.79
N ALA A 72 -28.08 4.48 4.08
CA ALA A 72 -28.46 5.51 5.06
C ALA A 72 -29.71 6.30 4.63
N HIS A 73 -30.60 5.64 3.90
CA HIS A 73 -31.82 6.23 3.35
C HIS A 73 -31.53 7.49 2.51
N SER A 74 -30.37 7.48 1.85
CA SER A 74 -30.07 8.49 0.86
C SER A 74 -30.89 8.20 -0.40
N VAL A 75 -31.04 9.25 -1.21
CA VAL A 75 -31.76 9.15 -2.45
C VAL A 75 -30.89 9.75 -3.56
N HIS A 76 -30.66 8.99 -4.60
CA HIS A 76 -29.98 9.48 -5.81
C HIS A 76 -30.90 9.22 -6.99
N VAL A 77 -31.30 10.27 -7.69
CA VAL A 77 -32.21 10.16 -8.82
C VAL A 77 -31.46 10.72 -10.02
N GLU A 78 -31.43 9.99 -11.12
CA GLU A 78 -30.91 10.54 -12.35
C GLU A 78 -32.10 10.96 -13.22
N ALA A 79 -32.49 12.22 -13.08
CA ALA A 79 -33.68 12.75 -13.74
C ALA A 79 -33.27 13.03 -15.17
N ASP A 80 -33.83 12.27 -16.10
CA ASP A 80 -33.48 12.41 -17.50
C ASP A 80 -34.68 12.94 -18.31
N GLY A 81 -34.54 12.98 -19.63
CA GLY A 81 -35.59 13.53 -20.50
C GLY A 81 -35.70 15.04 -20.37
N LEU A 82 -34.60 15.71 -20.03
CA LEU A 82 -34.60 17.15 -19.85
C LEU A 82 -34.04 17.84 -21.08
N GLU A 83 -34.25 19.16 -21.16
CA GLU A 83 -33.74 19.96 -22.26
C GLU A 83 -32.41 20.58 -21.85
N PRO A 84 -31.58 20.92 -22.83
CA PRO A 84 -30.24 21.48 -22.55
C PRO A 84 -30.24 22.94 -22.14
N ASN A 85 -29.24 23.30 -21.34
CA ASN A 85 -29.04 24.65 -20.86
C ASN A 85 -30.28 25.28 -20.25
N LYS A 86 -31.01 24.51 -19.46
CA LYS A 86 -32.27 24.97 -18.88
C LYS A 86 -32.28 24.81 -17.37
N VAL A 87 -32.82 25.83 -16.70
CA VAL A 87 -33.01 25.85 -15.27
C VAL A 87 -34.23 25.04 -14.91
N TYR A 88 -34.10 24.19 -13.89
CA TYR A 88 -35.26 23.45 -13.37
C TYR A 88 -35.33 23.57 -11.88
N TYR A 89 -36.51 23.27 -11.34
CA TYR A 89 -36.73 23.17 -9.91
C TYR A 89 -37.07 21.73 -9.60
N TYR A 90 -36.71 21.30 -8.38
CA TYR A 90 -36.97 19.94 -7.97
C TYR A 90 -37.32 19.87 -6.50
N ARG A 91 -38.05 18.82 -6.12
CA ARG A 91 -38.36 18.58 -4.71
C ARG A 91 -38.73 17.12 -4.51
N PHE A 92 -38.68 16.71 -3.25
CA PHE A 92 -39.01 15.36 -2.85
C PHE A 92 -40.19 15.38 -1.90
N LYS A 93 -40.89 14.25 -1.84
CA LYS A 93 -41.99 14.05 -0.90
C LYS A 93 -41.91 12.62 -0.37
N THR A 94 -42.00 12.47 0.93
CA THR A 94 -42.06 11.15 1.55
C THR A 94 -43.21 11.17 2.54
N GLY A 95 -44.17 10.28 2.33
CA GLY A 95 -45.45 10.33 3.00
C GLY A 95 -46.05 11.67 2.65
N HIS A 96 -46.31 12.47 3.68
CA HIS A 96 -46.84 13.81 3.52
C HIS A 96 -45.74 14.87 3.64
N GLU A 97 -44.50 14.47 3.94
CA GLU A 97 -43.42 15.41 4.21
C GLU A 97 -42.82 15.93 2.90
N LEU A 98 -42.59 17.24 2.82
CA LEU A 98 -42.02 17.87 1.62
C LEU A 98 -40.62 18.41 1.89
N SER A 99 -39.69 18.16 0.98
CA SER A 99 -38.35 18.72 1.06
C SER A 99 -38.35 20.20 0.73
N PRO A 100 -37.29 20.92 1.13
CA PRO A 100 -37.02 22.18 0.46
C PRO A 100 -36.98 22.02 -1.07
N VAL A 101 -37.28 23.12 -1.77
CA VAL A 101 -37.23 23.14 -3.21
C VAL A 101 -35.78 23.44 -3.62
N GLY A 102 -35.28 22.68 -4.59
CA GLY A 102 -33.96 22.91 -5.10
C GLY A 102 -34.04 23.50 -6.49
N LYS A 103 -32.96 24.18 -6.87
CA LYS A 103 -32.80 24.70 -8.21
C LYS A 103 -31.57 24.10 -8.88
N THR A 104 -31.71 23.75 -10.14
CA THR A 104 -30.63 23.16 -10.89
C THR A 104 -30.62 23.61 -12.34
N LYS A 105 -29.64 23.12 -13.11
CA LYS A 105 -29.49 23.54 -14.50
C LYS A 105 -28.71 22.54 -15.33
N THR A 106 -29.28 22.12 -16.44
CA THR A 106 -28.62 21.19 -17.33
C THR A 106 -27.49 21.88 -18.10
N LEU A 107 -26.57 21.09 -18.62
CA LEU A 107 -25.49 21.62 -19.46
C LEU A 107 -26.03 22.00 -20.85
N PRO A 108 -25.33 22.88 -21.55
CA PRO A 108 -25.57 23.09 -22.99
C PRO A 108 -25.40 21.80 -23.77
N ALA A 109 -26.06 21.73 -24.92
CA ALA A 109 -25.88 20.61 -25.84
C ALA A 109 -24.41 20.51 -26.21
N PRO A 110 -23.89 19.29 -26.36
CA PRO A 110 -22.48 19.13 -26.74
C PRO A 110 -22.16 19.97 -27.97
N GLY A 111 -21.05 20.69 -27.94
CA GLY A 111 -20.67 21.55 -29.05
C GLY A 111 -21.46 22.84 -29.21
N ALA A 112 -22.49 23.07 -28.40
CA ALA A 112 -23.22 24.34 -28.45
C ALA A 112 -22.25 25.49 -28.29
N ASN A 113 -22.50 26.55 -29.04
CA ASN A 113 -21.63 27.71 -29.06
C ASN A 113 -22.01 28.71 -27.96
N VAL A 114 -21.71 28.37 -26.72
CA VAL A 114 -22.12 29.22 -25.61
C VAL A 114 -21.15 30.35 -25.39
N PRO A 115 -21.67 31.56 -25.14
CA PRO A 115 -20.82 32.74 -25.00
C PRO A 115 -20.19 32.95 -23.63
N GLN A 116 -20.76 32.36 -22.58
CA GLN A 116 -20.28 32.62 -21.22
C GLN A 116 -20.68 31.49 -20.25
N MET A 117 -19.85 31.34 -19.21
CA MET A 117 -20.11 30.39 -18.13
C MET A 117 -19.63 31.06 -16.86
N THR A 118 -20.38 30.92 -15.79
CA THR A 118 -19.94 31.40 -14.49
C THR A 118 -20.08 30.26 -13.46
N PHE A 119 -19.06 30.05 -12.66
CA PHE A 119 -19.09 28.99 -11.64
C PHE A 119 -18.27 29.43 -10.48
N ALA A 120 -18.38 28.73 -9.36
CA ALA A 120 -17.57 28.99 -8.20
C ALA A 120 -16.88 27.67 -7.85
N PHE A 121 -15.74 27.75 -7.17
CA PHE A 121 -15.13 26.55 -6.59
C PHE A 121 -14.69 26.78 -5.17
N ALA A 122 -14.79 25.71 -4.39
CA ALA A 122 -14.58 25.78 -2.97
C ALA A 122 -13.82 24.54 -2.49
N SER A 123 -13.19 24.65 -1.35
CA SER A 123 -12.57 23.51 -0.66
C SER A 123 -12.43 23.84 0.80
N CYS A 124 -12.16 22.82 1.61
CA CYS A 124 -11.58 23.00 2.95
C CYS A 124 -12.47 23.77 3.95
N GLN A 125 -13.42 23.03 4.49
CA GLN A 125 -14.45 23.61 5.35
C GLN A 125 -14.48 23.03 6.77
N GLN A 126 -13.33 23.02 7.42
CA GLN A 126 -13.20 22.48 8.78
C GLN A 126 -14.31 23.12 9.63
N TYR A 127 -15.26 22.31 10.06
CA TYR A 127 -16.46 22.78 10.78
C TYR A 127 -16.12 23.52 12.04
N GLU A 128 -15.05 23.08 12.68
CA GLU A 128 -14.68 23.66 13.98
C GLU A 128 -14.02 25.03 13.85
N HIS A 129 -13.45 25.32 12.67
CA HIS A 129 -12.63 26.52 12.51
C HIS A 129 -13.40 27.81 12.24
N GLY A 130 -14.66 27.68 11.84
CA GLY A 130 -15.48 28.86 11.65
C GLY A 130 -16.85 28.52 11.13
N TYR A 131 -17.65 29.58 10.99
CA TYR A 131 -18.98 29.53 10.42
C TYR A 131 -18.90 29.56 8.92
N TYR A 132 -19.90 28.98 8.29
CA TYR A 132 -20.02 28.86 6.84
C TYR A 132 -20.67 30.09 6.15
N THR A 133 -20.31 31.26 6.64
CA THR A 133 -20.70 32.52 5.99
C THR A 133 -20.37 32.54 4.50
N ALA A 134 -19.25 31.92 4.11
CA ALA A 134 -18.90 31.86 2.69
C ALA A 134 -20.03 31.30 1.85
N TYR A 135 -20.70 30.25 2.35
CA TYR A 135 -21.77 29.63 1.60
C TYR A 135 -23.08 30.45 1.59
N LYS A 136 -23.30 31.22 2.64
CA LYS A 136 -24.42 32.19 2.64
C LYS A 136 -24.23 33.14 1.47
N HIS A 137 -23.03 33.69 1.34
CA HIS A 137 -22.71 34.55 0.19
C HIS A 137 -22.74 33.82 -1.15
N MET A 138 -22.22 32.58 -1.21
CA MET A 138 -22.20 31.89 -2.46
C MET A 138 -23.60 31.64 -2.99
N ALA A 139 -24.53 31.34 -2.07
CA ALA A 139 -25.91 31.02 -2.44
C ALA A 139 -26.61 32.20 -3.14
N LYS A 140 -26.07 33.40 -2.98
CA LYS A 140 -26.62 34.61 -3.65
C LYS A 140 -25.97 34.91 -5.01
N GLU A 141 -24.96 34.11 -5.39
CA GLU A 141 -24.25 34.33 -6.65
C GLU A 141 -25.09 33.80 -7.79
N LYS A 142 -24.85 34.31 -8.99
CA LYS A 142 -25.51 33.78 -10.17
C LYS A 142 -24.55 32.84 -10.86
N LEU A 143 -24.70 31.55 -10.63
CA LEU A 143 -23.74 30.56 -11.14
C LEU A 143 -24.44 29.52 -11.94
N ASP A 144 -23.74 28.97 -12.92
CA ASP A 144 -24.19 27.80 -13.66
C ASP A 144 -23.89 26.48 -12.90
N LEU A 145 -22.80 26.46 -12.14
CA LEU A 145 -22.47 25.30 -11.30
C LEU A 145 -21.43 25.64 -10.27
N VAL A 146 -21.24 24.71 -9.32
CA VAL A 146 -20.25 24.82 -8.28
C VAL A 146 -19.38 23.56 -8.33
N PHE A 147 -18.07 23.74 -8.11
CA PHE A 147 -17.11 22.66 -7.88
C PHE A 147 -16.65 22.62 -6.45
N HIS A 148 -16.61 21.43 -5.86
CA HIS A 148 -15.94 21.28 -4.60
C HIS A 148 -14.69 20.41 -4.84
N LEU A 149 -13.56 20.87 -4.34
CA LEU A 149 -12.26 20.28 -4.67
C LEU A 149 -11.60 19.51 -3.52
N GLY A 150 -12.34 19.35 -2.41
CA GLY A 150 -11.92 18.42 -1.32
C GLY A 150 -11.97 19.00 0.08
N ASP A 151 -11.70 18.12 1.05
CA ASP A 151 -11.82 18.41 2.45
C ASP A 151 -13.22 18.99 2.73
N TYR A 152 -14.22 18.33 2.15
CA TYR A 152 -15.62 18.62 2.44
C TYR A 152 -15.99 18.29 3.89
N ILE A 153 -15.39 17.21 4.43
CA ILE A 153 -15.39 16.96 5.88
C ILE A 153 -13.96 16.79 6.35
N TYR A 154 -13.76 16.89 7.67
CA TYR A 154 -12.50 16.53 8.32
C TYR A 154 -12.84 15.40 9.31
N GLU A 155 -11.84 14.58 9.61
CA GLU A 155 -12.02 13.32 10.33
C GLU A 155 -11.77 13.37 11.81
N TYR A 156 -11.22 14.47 12.29
CA TYR A 156 -10.72 14.59 13.64
C TYR A 156 -11.78 14.48 14.73
N GLY A 157 -11.32 14.11 15.93
CA GLY A 157 -12.05 14.32 17.16
C GLY A 157 -11.96 15.79 17.54
N PRO A 158 -12.55 16.15 18.67
CA PRO A 158 -12.55 17.55 19.09
C PRO A 158 -11.22 17.96 19.73
N ASN A 159 -10.88 19.24 19.62
CA ASN A 159 -9.65 19.78 20.21
C ASN A 159 -8.39 19.10 19.68
N GLU A 160 -8.40 18.70 18.42
CA GLU A 160 -7.22 18.06 17.86
C GLU A 160 -6.57 18.98 16.84
N TYR A 161 -7.29 19.25 15.75
CA TYR A 161 -6.79 20.14 14.71
C TYR A 161 -7.33 21.53 15.00
N VAL A 162 -6.50 22.31 15.69
CA VAL A 162 -6.95 23.54 16.32
C VAL A 162 -6.47 24.76 15.53
N SER A 163 -7.43 25.61 15.17
CA SER A 163 -7.15 26.82 14.41
C SER A 163 -6.38 27.83 15.27
N LYS A 164 -5.50 28.61 14.64
CA LYS A 164 -4.86 29.74 15.30
C LYS A 164 -5.86 30.72 15.91
N THR A 165 -7.05 30.86 15.30
CA THR A 165 -8.04 31.79 15.85
C THR A 165 -9.14 31.10 16.69
N GLY A 166 -8.94 29.82 17.03
CA GLY A 166 -9.81 29.11 17.96
C GLY A 166 -10.77 28.19 17.28
N ASN A 167 -11.05 27.05 17.93
CA ASN A 167 -12.11 26.16 17.45
C ASN A 167 -13.48 26.56 17.98
N VAL A 168 -14.22 27.32 17.17
CA VAL A 168 -15.46 27.94 17.63
C VAL A 168 -16.63 26.97 17.65
N ARG A 169 -16.56 25.91 16.85
CA ARG A 169 -17.50 24.80 16.92
C ARG A 169 -16.70 23.52 17.21
N THR A 170 -17.39 22.41 17.40
CA THR A 170 -16.76 21.18 17.92
C THR A 170 -17.25 19.98 17.16
N HIS A 171 -16.33 19.12 16.72
CA HIS A 171 -16.71 17.89 16.09
C HIS A 171 -17.59 17.05 16.99
N ASN A 172 -18.47 16.27 16.36
CA ASN A 172 -19.54 15.51 17.02
C ASN A 172 -19.06 14.24 17.70
N SER A 173 -17.86 13.79 17.37
CA SER A 173 -17.36 12.51 17.82
C SER A 173 -15.84 12.48 17.89
N ALA A 174 -15.30 11.43 18.49
CA ALA A 174 -13.88 11.11 18.34
C ALA A 174 -13.56 10.90 16.87
N GLU A 175 -12.28 10.76 16.56
CA GLU A 175 -11.86 10.51 15.20
C GLU A 175 -12.67 9.41 14.57
N ILE A 176 -13.16 9.66 13.36
CA ILE A 176 -14.09 8.80 12.69
C ILE A 176 -13.44 7.62 11.96
N ILE A 177 -13.99 6.42 12.18
CA ILE A 177 -13.40 5.18 11.69
C ILE A 177 -14.38 4.32 10.95
N THR A 178 -15.57 4.12 11.52
CA THR A 178 -16.57 3.22 10.93
C THR A 178 -17.50 3.95 9.97
N LEU A 179 -18.23 3.19 9.19
CA LEU A 179 -19.24 3.72 8.31
C LEU A 179 -20.19 4.66 9.05
N GLN A 180 -20.65 4.25 10.23
CA GLN A 180 -21.58 5.08 10.98
C GLN A 180 -20.90 6.37 11.42
N ASP A 181 -19.66 6.28 11.88
CA ASP A 181 -18.88 7.46 12.25
C ASP A 181 -18.82 8.48 11.06
N TYR A 182 -18.51 7.99 9.87
CA TYR A 182 -18.42 8.83 8.67
C TYR A 182 -19.76 9.43 8.26
N ARG A 183 -20.80 8.63 8.35
CA ARG A 183 -22.15 9.10 8.04
C ARG A 183 -22.55 10.24 8.97
N ASN A 184 -22.27 10.07 10.26
CA ASN A 184 -22.61 11.07 11.25
C ASN A 184 -21.79 12.35 11.07
N ARG A 185 -20.53 12.21 10.67
CA ARG A 185 -19.72 13.39 10.42
C ARG A 185 -20.25 14.14 9.18
N HIS A 186 -20.57 13.43 8.11
CA HIS A 186 -21.23 14.07 6.93
C HIS A 186 -22.52 14.79 7.33
N ALA A 187 -23.31 14.16 8.21
CA ALA A 187 -24.52 14.79 8.70
C ALA A 187 -24.24 16.04 9.52
N GLN A 188 -23.17 16.05 10.33
CA GLN A 188 -22.84 17.23 11.12
C GLN A 188 -22.58 18.43 10.21
N TYR A 189 -21.73 18.22 9.20
CA TYR A 189 -21.34 19.27 8.25
C TYR A 189 -22.52 19.73 7.40
N ARG A 190 -23.26 18.76 6.86
CA ARG A 190 -24.33 19.02 5.92
C ARG A 190 -25.60 19.62 6.61
N SER A 191 -25.66 19.58 7.94
CA SER A 191 -26.75 20.15 8.72
C SER A 191 -26.70 21.69 8.73
N ASP A 192 -25.54 22.25 8.40
CA ASP A 192 -25.36 23.69 8.43
C ASP A 192 -26.24 24.34 7.37
N ALA A 193 -27.05 25.31 7.78
CA ALA A 193 -28.08 25.94 6.93
C ALA A 193 -27.46 26.63 5.71
N ASN A 194 -26.29 27.21 5.87
CA ASN A 194 -25.65 27.93 4.80
C ASN A 194 -25.19 26.99 3.69
N LEU A 195 -24.55 25.89 4.10
CA LEU A 195 -24.12 24.85 3.14
C LEU A 195 -25.30 24.24 2.43
N LYS A 196 -26.37 23.95 3.16
CA LYS A 196 -27.59 23.44 2.53
C LYS A 196 -28.17 24.41 1.49
N ALA A 197 -28.13 25.71 1.78
CA ALA A 197 -28.66 26.73 0.84
C ALA A 197 -27.82 26.75 -0.44
N ALA A 198 -26.51 26.67 -0.28
CA ALA A 198 -25.59 26.61 -1.43
C ALA A 198 -25.81 25.37 -2.27
N HIS A 199 -26.14 24.24 -1.61
CA HIS A 199 -26.50 23.04 -2.36
C HIS A 199 -27.82 23.17 -3.09
N ALA A 200 -28.83 23.77 -2.45
CA ALA A 200 -30.16 23.91 -3.05
C ALA A 200 -30.14 24.92 -4.24
N ALA A 201 -29.17 25.82 -4.24
CA ALA A 201 -29.09 26.89 -5.25
C ALA A 201 -28.50 26.48 -6.61
N PHE A 202 -27.59 25.51 -6.63
CA PHE A 202 -26.83 25.18 -7.85
C PHE A 202 -26.51 23.67 -7.94
N PRO A 203 -26.31 23.16 -9.14
CA PRO A 203 -25.73 21.82 -9.29
C PRO A 203 -24.25 21.85 -8.94
N TRP A 204 -23.79 20.80 -8.24
CA TRP A 204 -22.41 20.69 -7.80
C TRP A 204 -21.70 19.53 -8.52
N VAL A 205 -20.41 19.76 -8.79
CA VAL A 205 -19.49 18.74 -9.28
C VAL A 205 -18.44 18.60 -8.20
N VAL A 206 -18.49 17.50 -7.45
CA VAL A 206 -17.59 17.33 -6.31
C VAL A 206 -16.46 16.34 -6.63
N THR A 207 -15.31 16.59 -6.02
CA THR A 207 -14.23 15.60 -5.96
C THR A 207 -13.57 15.76 -4.61
N TRP A 208 -12.98 14.69 -4.09
CA TRP A 208 -12.51 14.70 -2.69
C TRP A 208 -11.01 14.98 -2.66
N ASP A 209 -10.50 15.29 -1.48
CA ASP A 209 -9.07 15.28 -1.24
C ASP A 209 -8.82 14.30 -0.07
N ASP A 210 -7.97 14.64 0.89
CA ASP A 210 -7.56 13.64 1.90
C ASP A 210 -8.51 13.51 3.07
N HIS A 211 -9.05 14.64 3.54
CA HIS A 211 -9.80 14.64 4.79
C HIS A 211 -11.18 14.01 4.73
N GLU A 212 -11.68 13.70 3.54
CA GLU A 212 -12.84 12.85 3.42
C GLU A 212 -12.56 11.41 3.97
N VAL A 213 -11.28 11.05 4.08
CA VAL A 213 -10.86 9.78 4.73
C VAL A 213 -10.00 10.07 5.91
N GLU A 214 -8.75 10.48 5.66
CA GLU A 214 -7.84 10.81 6.73
C GLU A 214 -6.71 11.64 6.16
N ASN A 215 -6.17 12.54 6.98
CA ASN A 215 -5.07 13.41 6.56
C ASN A 215 -3.92 12.71 5.82
N ASN A 216 -3.60 13.26 4.64
CA ASN A 216 -2.44 12.88 3.84
C ASN A 216 -2.33 11.42 3.49
N TYR A 217 -3.46 10.75 3.33
CA TYR A 217 -3.46 9.42 2.80
C TYR A 217 -2.96 9.39 1.37
N ALA A 218 -2.43 8.24 0.99
CA ALA A 218 -1.94 8.04 -0.38
C ALA A 218 -2.33 6.65 -0.86
N ASN A 219 -3.39 6.59 -1.69
CA ASN A 219 -3.98 5.33 -2.13
C ASN A 219 -4.42 4.51 -0.87
N LYS A 220 -3.65 3.47 -0.49
CA LYS A 220 -4.02 2.66 0.66
C LYS A 220 -3.04 2.76 1.80
N ILE A 221 -2.18 3.78 1.72
CA ILE A 221 -1.22 4.07 2.75
C ILE A 221 -1.63 5.27 3.60
N PRO A 222 -1.93 5.05 4.89
CA PRO A 222 -2.22 6.18 5.78
C PRO A 222 -0.96 6.86 6.25
N GLU A 223 -1.14 8.05 6.79
CA GLU A 223 -0.06 8.84 7.33
C GLU A 223 0.52 8.22 8.62
N LYS A 224 1.73 8.65 8.95
CA LYS A 224 2.35 8.40 10.24
C LYS A 224 2.54 6.92 10.57
N GLY A 225 2.82 6.11 9.56
CA GLY A 225 3.11 4.68 9.73
C GLY A 225 1.99 3.88 10.36
N GLN A 226 0.74 4.27 10.10
CA GLN A 226 -0.41 3.55 10.62
C GLN A 226 -0.68 2.33 9.78
N SER A 227 -1.62 1.49 10.22
CA SER A 227 -1.86 0.21 9.59
C SER A 227 -2.62 0.33 8.27
N VAL A 228 -2.04 -0.28 7.22
CA VAL A 228 -2.65 -0.34 5.91
C VAL A 228 -3.94 -1.17 5.96
N GLU A 229 -3.88 -2.33 6.61
CA GLU A 229 -5.06 -3.19 6.69
C GLU A 229 -6.27 -2.44 7.28
N ALA A 230 -6.07 -1.75 8.40
CA ALA A 230 -7.18 -1.00 9.03
C ALA A 230 -7.59 0.17 8.10
N PHE A 231 -6.62 0.76 7.41
CA PHE A 231 -6.92 1.90 6.55
C PHE A 231 -7.79 1.53 5.37
N VAL A 232 -7.60 0.35 4.80
CA VAL A 232 -8.42 -0.08 3.68
C VAL A 232 -9.90 -0.20 4.06
N LEU A 233 -10.15 -0.70 5.28
CA LEU A 233 -11.51 -0.78 5.79
C LEU A 233 -12.05 0.64 5.99
N ARG A 234 -11.20 1.50 6.52
CA ARG A 234 -11.58 2.89 6.72
C ARG A 234 -11.92 3.61 5.39
N ARG A 235 -11.14 3.35 4.34
CA ARG A 235 -11.40 3.95 3.05
C ARG A 235 -12.72 3.47 2.46
N ALA A 236 -13.03 2.19 2.62
CA ALA A 236 -14.32 1.67 2.18
C ALA A 236 -15.50 2.36 2.89
N ALA A 237 -15.40 2.55 4.20
CA ALA A 237 -16.42 3.24 4.99
C ALA A 237 -16.57 4.72 4.54
N ALA A 238 -15.44 5.41 4.41
CA ALA A 238 -15.40 6.82 4.00
C ALA A 238 -15.96 7.04 2.62
N TYR A 239 -15.56 6.18 1.68
CA TYR A 239 -16.06 6.30 0.31
C TYR A 239 -17.55 6.05 0.20
N GLN A 240 -18.06 5.04 0.94
CA GLN A 240 -19.50 4.77 0.96
C GLN A 240 -20.27 5.98 1.52
N ALA A 241 -19.82 6.51 2.65
CA ALA A 241 -20.47 7.69 3.28
C ALA A 241 -20.46 8.90 2.36
N TYR A 242 -19.37 9.05 1.59
CA TYR A 242 -19.26 10.15 0.63
C TYR A 242 -20.30 9.99 -0.47
N TYR A 243 -20.36 8.81 -1.08
CA TYR A 243 -21.37 8.51 -2.06
C TYR A 243 -22.78 8.82 -1.51
N GLU A 244 -23.08 8.31 -0.31
CA GLU A 244 -24.41 8.47 0.29
C GLU A 244 -24.78 9.95 0.41
N HIS A 245 -23.80 10.83 0.60
CA HIS A 245 -24.09 12.23 0.84
C HIS A 245 -23.85 13.16 -0.35
N MET A 246 -23.45 12.62 -1.50
CA MET A 246 -23.09 13.47 -2.64
C MET A 246 -23.93 13.17 -3.86
N PRO A 247 -24.22 14.20 -4.66
CA PRO A 247 -25.06 14.02 -5.85
C PRO A 247 -24.27 13.48 -7.04
N LEU A 248 -23.92 12.20 -6.95
CA LEU A 248 -23.14 11.48 -7.96
C LEU A 248 -24.00 10.51 -8.74
N ARG A 249 -23.56 10.16 -9.93
CA ARG A 249 -24.25 9.17 -10.76
C ARG A 249 -23.91 7.74 -10.32
N ILE A 250 -24.67 6.76 -10.81
CA ILE A 250 -24.58 5.38 -10.33
C ILE A 250 -23.19 4.71 -10.65
N SER A 251 -22.52 5.19 -11.68
CA SER A 251 -21.20 4.69 -12.01
C SER A 251 -20.15 5.07 -10.95
N SER A 252 -20.50 6.01 -10.06
CA SER A 252 -19.68 6.32 -8.90
C SER A 252 -20.05 5.51 -7.65
N LEU A 253 -20.97 4.55 -7.72
CA LEU A 253 -21.26 3.68 -6.55
C LEU A 253 -19.97 2.93 -6.16
N PRO A 254 -19.57 2.95 -4.89
CA PRO A 254 -18.32 2.30 -4.54
C PRO A 254 -18.46 0.79 -4.47
N ASN A 255 -17.33 0.10 -4.58
CA ASN A 255 -17.25 -1.34 -4.40
C ASN A 255 -16.07 -1.56 -3.49
N GLY A 256 -16.36 -1.82 -2.22
CA GLY A 256 -15.37 -1.85 -1.17
C GLY A 256 -14.58 -0.55 -1.14
N PRO A 257 -13.26 -0.66 -1.14
CA PRO A 257 -12.40 0.51 -1.05
C PRO A 257 -12.20 1.29 -2.38
N ASP A 258 -12.86 0.88 -3.44
CA ASP A 258 -12.68 1.46 -4.78
C ASP A 258 -13.92 2.20 -5.24
N MET A 259 -13.71 3.34 -5.91
CA MET A 259 -14.83 4.20 -6.31
C MET A 259 -14.44 5.11 -7.49
N GLN A 260 -15.21 5.06 -8.56
CA GLN A 260 -14.93 5.87 -9.75
C GLN A 260 -15.40 7.30 -9.51
N LEU A 261 -14.47 8.21 -9.24
CA LEU A 261 -14.81 9.60 -9.05
C LEU A 261 -14.27 10.49 -10.19
N TYR A 262 -13.07 10.21 -10.70
CA TYR A 262 -12.61 11.04 -11.82
C TYR A 262 -13.54 10.93 -13.01
N ARG A 263 -13.80 12.07 -13.66
CA ARG A 263 -14.77 12.12 -14.71
C ARG A 263 -14.63 13.41 -15.54
N HIS A 264 -15.27 13.40 -16.69
CA HIS A 264 -15.12 14.48 -17.65
C HIS A 264 -16.45 14.95 -18.21
N PHE A 265 -16.55 16.25 -18.48
CA PHE A 265 -17.69 16.78 -19.23
C PHE A 265 -17.30 18.10 -19.91
N THR A 266 -18.08 18.49 -20.93
CA THR A 266 -17.82 19.74 -21.65
C THR A 266 -18.99 20.67 -21.45
N TYR A 267 -18.71 21.95 -21.35
CA TYR A 267 -19.74 22.97 -21.25
C TYR A 267 -19.88 23.60 -22.64
N GLY A 268 -20.73 22.99 -23.46
CA GLY A 268 -20.80 23.36 -24.88
C GLY A 268 -19.43 23.18 -25.54
N ASN A 269 -19.02 24.15 -26.33
CA ASN A 269 -17.67 24.17 -26.89
C ASN A 269 -16.81 25.16 -26.16
N LEU A 270 -17.30 25.70 -25.07
CA LEU A 270 -16.55 26.70 -24.34
C LEU A 270 -15.43 26.09 -23.46
N ALA A 271 -15.75 25.02 -22.73
CA ALA A 271 -14.78 24.49 -21.74
C ALA A 271 -14.94 22.99 -21.57
N SER A 272 -13.82 22.28 -21.56
CA SER A 272 -13.75 20.84 -21.30
C SER A 272 -13.16 20.68 -19.90
N PHE A 273 -13.92 20.02 -19.02
CA PHE A 273 -13.57 19.90 -17.60
C PHE A 273 -13.14 18.48 -17.28
N ASN A 274 -11.93 18.34 -16.79
CA ASN A 274 -11.38 17.06 -16.33
C ASN A 274 -11.32 17.13 -14.82
N VAL A 275 -12.25 16.42 -14.17
CA VAL A 275 -12.30 16.37 -12.72
C VAL A 275 -11.43 15.17 -12.26
N LEU A 276 -10.33 15.48 -11.58
CA LEU A 276 -9.32 14.51 -11.25
C LEU A 276 -9.49 13.96 -9.83
N ASP A 277 -8.79 12.86 -9.60
CA ASP A 277 -8.68 12.22 -8.28
C ASP A 277 -7.21 11.91 -8.04
N THR A 278 -6.57 12.77 -7.24
CA THR A 278 -5.15 12.66 -6.99
C THR A 278 -4.84 11.99 -5.65
N ARG A 279 -5.85 11.40 -5.00
CA ARG A 279 -5.67 10.64 -3.76
C ARG A 279 -5.76 9.15 -3.95
N GLN A 280 -6.77 8.67 -4.66
CA GLN A 280 -7.14 7.26 -4.62
C GLN A 280 -6.07 6.29 -5.21
N TYR A 281 -5.26 6.81 -6.12
CA TYR A 281 -4.31 6.02 -6.88
C TYR A 281 -2.87 6.44 -6.70
N ARG A 282 -2.62 7.50 -5.92
CA ARG A 282 -1.29 8.05 -5.85
C ARG A 282 -0.30 7.17 -5.08
N ASP A 283 0.97 7.30 -5.46
CA ASP A 283 2.06 6.74 -4.68
C ASP A 283 2.29 7.57 -3.44
N ASP A 284 2.98 6.97 -2.48
CA ASP A 284 3.23 7.56 -1.18
C ASP A 284 4.06 8.81 -1.34
N GLN A 285 3.84 9.77 -0.45
CA GLN A 285 4.68 10.95 -0.40
C GLN A 285 6.16 10.60 -0.07
N ALA A 286 7.07 11.22 -0.81
CA ALA A 286 8.51 11.04 -0.64
C ALA A 286 9.01 11.80 0.55
N ASN A 287 10.17 11.36 1.05
CA ASN A 287 10.91 12.04 2.11
C ASN A 287 10.15 12.22 3.38
N ASN A 288 9.32 11.21 3.74
CA ASN A 288 8.49 11.27 4.94
C ASN A 288 7.47 12.41 4.94
N ASP A 289 7.11 12.91 3.76
CA ASP A 289 6.06 13.93 3.65
C ASP A 289 6.55 15.27 4.23
N GLY A 290 5.64 16.22 4.37
CA GLY A 290 5.99 17.53 4.86
C GLY A 290 6.66 18.35 3.76
N ASN A 291 7.41 19.36 4.18
CA ASN A 291 8.11 20.25 3.27
C ASN A 291 9.59 19.92 3.34
N LYS A 292 10.14 19.39 2.26
CA LYS A 292 11.46 18.80 2.27
C LYS A 292 12.23 19.17 1.02
N PRO A 293 13.56 19.01 1.05
CA PRO A 293 14.34 19.15 -0.17
C PRO A 293 13.95 18.09 -1.15
N PRO A 294 14.02 18.37 -2.45
CA PRO A 294 13.87 17.30 -3.43
C PRO A 294 14.98 16.28 -3.25
N SER A 295 14.76 15.07 -3.76
CA SER A 295 15.67 13.95 -3.54
C SER A 295 15.49 12.99 -4.68
N ASP A 296 16.32 11.97 -4.71
CA ASP A 296 16.17 10.91 -5.69
C ASP A 296 14.82 10.21 -5.50
N GLU A 297 14.40 10.09 -4.25
CA GLU A 297 13.10 9.53 -3.94
C GLU A 297 11.96 10.35 -4.58
N SER A 298 11.91 11.65 -4.31
CA SER A 298 10.83 12.47 -4.87
C SER A 298 10.92 12.54 -6.38
N ARG A 299 12.14 12.57 -6.91
CA ARG A 299 12.36 12.69 -8.36
C ARG A 299 12.20 11.36 -9.12
N ASN A 300 12.02 10.23 -8.42
CA ASN A 300 11.85 8.93 -9.11
C ASN A 300 10.78 9.03 -10.18
N PRO A 301 11.12 8.68 -11.43
CA PRO A 301 10.19 8.87 -12.54
C PRO A 301 9.05 7.89 -12.59
N ASN A 302 9.15 6.77 -11.88
CA ASN A 302 8.04 5.83 -11.86
C ASN A 302 6.88 6.27 -10.99
N ARG A 303 7.09 7.23 -10.13
CA ARG A 303 6.08 7.63 -9.17
C ARG A 303 4.95 8.37 -9.85
N THR A 304 3.71 8.06 -9.44
CA THR A 304 2.49 8.55 -10.05
C THR A 304 1.62 9.27 -8.99
N LEU A 305 0.84 10.24 -9.45
CA LEU A 305 -0.27 10.83 -8.66
C LEU A 305 -1.57 10.27 -9.15
N LEU A 306 -1.72 10.16 -10.47
CA LEU A 306 -3.00 9.88 -11.08
C LEU A 306 -3.23 8.41 -11.25
N GLY A 307 -2.13 7.64 -11.32
CA GLY A 307 -2.20 6.27 -11.77
C GLY A 307 -2.24 6.23 -13.28
N LYS A 308 -1.86 5.09 -13.84
CA LYS A 308 -1.65 4.96 -15.28
C LYS A 308 -2.92 5.18 -16.09
N GLU A 309 -4.03 4.60 -15.65
CA GLU A 309 -5.29 4.69 -16.39
C GLU A 309 -5.82 6.12 -16.44
N GLN A 310 -5.82 6.79 -15.29
CA GLN A 310 -6.32 8.15 -15.22
C GLN A 310 -5.42 9.09 -16.04
N GLU A 311 -4.12 8.83 -16.00
CA GLU A 311 -3.17 9.62 -16.80
C GLU A 311 -3.51 9.52 -18.29
N GLN A 312 -3.74 8.30 -18.77
CA GLN A 312 -4.02 8.07 -20.17
C GLN A 312 -5.39 8.65 -20.56
N TRP A 313 -6.37 8.49 -19.68
CA TRP A 313 -7.69 9.07 -19.87
C TRP A 313 -7.57 10.59 -20.00
N LEU A 314 -6.78 11.21 -19.15
CA LEU A 314 -6.62 12.64 -19.17
C LEU A 314 -5.98 13.10 -20.48
N PHE A 315 -4.91 12.41 -20.91
CA PHE A 315 -4.25 12.73 -22.18
C PHE A 315 -5.20 12.59 -23.37
N ASN A 316 -6.03 11.55 -23.36
CA ASN A 316 -7.04 11.37 -24.41
C ASN A 316 -8.03 12.55 -24.45
N ASN A 317 -8.45 13.04 -23.28
CA ASN A 317 -9.37 14.19 -23.19
C ASN A 317 -8.71 15.48 -23.62
N LEU A 318 -7.46 15.69 -23.22
CA LEU A 318 -6.73 16.90 -23.56
C LEU A 318 -6.39 16.92 -25.05
N GLY A 319 -6.06 15.76 -25.60
CA GLY A 319 -5.62 15.67 -26.98
C GLY A 319 -6.73 15.79 -28.01
N SER A 320 -7.95 15.38 -27.63
CA SER A 320 -9.08 15.38 -28.52
C SER A 320 -10.05 16.57 -28.31
N SER A 321 -9.82 17.39 -27.29
CA SER A 321 -10.69 18.52 -27.00
C SER A 321 -10.57 19.62 -28.05
N THR A 322 -11.71 20.11 -28.54
CA THR A 322 -11.73 21.28 -29.40
C THR A 322 -12.37 22.46 -28.68
N ALA A 323 -12.54 22.37 -27.36
CA ALA A 323 -13.15 23.45 -26.60
C ALA A 323 -12.22 24.62 -26.51
N HIS A 324 -12.77 25.81 -26.24
CA HIS A 324 -11.96 27.02 -26.03
C HIS A 324 -11.04 26.95 -24.82
N TRP A 325 -11.42 26.14 -23.81
CA TRP A 325 -10.61 25.97 -22.61
C TRP A 325 -10.56 24.50 -22.17
N ASN A 326 -9.44 24.12 -21.59
CA ASN A 326 -9.24 22.77 -21.02
C ASN A 326 -8.95 22.97 -19.56
N VAL A 327 -9.76 22.36 -18.71
CA VAL A 327 -9.71 22.67 -17.28
C VAL A 327 -9.38 21.39 -16.50
N LEU A 328 -8.45 21.51 -15.56
CA LEU A 328 -8.15 20.47 -14.58
C LEU A 328 -8.72 20.90 -13.23
N ALA A 329 -9.84 20.31 -12.85
CA ALA A 329 -10.45 20.59 -11.56
C ALA A 329 -9.88 19.54 -10.61
N GLN A 330 -9.03 19.95 -9.71
CA GLN A 330 -8.27 19.00 -8.89
C GLN A 330 -7.91 19.56 -7.55
N GLN A 331 -7.06 18.85 -6.79
CA GLN A 331 -6.97 19.05 -5.35
C GLN A 331 -5.85 19.91 -4.85
N ILE A 332 -4.66 19.75 -5.44
CA ILE A 332 -3.43 20.17 -4.80
C ILE A 332 -2.57 21.12 -5.67
N PHE A 333 -1.68 21.83 -5.00
CA PHE A 333 -0.87 22.87 -5.64
C PHE A 333 -0.07 22.33 -6.83
N PHE A 334 -0.35 22.87 -8.02
CA PHE A 334 0.23 22.38 -9.27
C PHE A 334 1.52 23.10 -9.70
N ALA A 335 1.56 24.41 -9.53
CA ALA A 335 2.73 25.19 -9.96
C ALA A 335 3.92 24.91 -9.06
N LYS A 336 5.11 25.30 -9.55
CA LYS A 336 6.31 25.32 -8.72
C LYS A 336 6.08 26.19 -7.50
N TRP A 337 6.52 25.72 -6.34
CA TRP A 337 6.20 26.38 -5.09
C TRP A 337 7.33 26.18 -4.10
N ASN A 338 8.44 26.85 -4.37
CA ASN A 338 9.67 26.69 -3.60
C ASN A 338 9.68 27.51 -2.35
N PHE A 339 9.77 26.85 -1.18
CA PHE A 339 9.82 27.54 0.10
C PHE A 339 11.24 27.87 0.55
N GLY A 340 12.24 27.35 -0.15
CA GLY A 340 13.64 27.59 0.23
C GLY A 340 14.26 28.60 -0.72
N THR A 341 15.44 28.26 -1.23
CA THR A 341 16.21 29.13 -2.13
C THR A 341 16.54 28.34 -3.36
N SER A 342 17.12 28.98 -4.38
CA SER A 342 17.49 28.25 -5.59
C SER A 342 18.52 27.15 -5.29
N ALA A 343 19.46 27.45 -4.41
CA ALA A 343 20.54 26.53 -4.06
C ALA A 343 20.06 25.41 -3.13
N SER A 344 19.20 25.78 -2.19
CA SER A 344 18.62 24.86 -1.22
C SER A 344 17.09 24.92 -1.28
N PRO A 345 16.51 24.26 -2.27
CA PRO A 345 15.05 24.30 -2.42
C PRO A 345 14.34 23.43 -1.38
N ILE A 346 13.09 23.79 -1.05
CA ILE A 346 12.22 23.06 -0.13
C ILE A 346 10.80 23.07 -0.76
N TYR A 347 10.22 21.87 -0.89
CA TYR A 347 8.98 21.65 -1.61
C TYR A 347 7.97 20.87 -0.77
N SER A 348 6.68 21.05 -1.09
CA SER A 348 5.62 20.27 -0.44
C SER A 348 5.56 18.89 -1.03
N MET A 349 5.81 17.88 -0.22
CA MET A 349 5.86 16.50 -0.72
C MET A 349 4.47 15.97 -1.04
N ASP A 350 3.44 16.64 -0.56
CA ASP A 350 2.04 16.23 -0.79
C ASP A 350 1.38 16.90 -2.00
N SER A 351 2.07 17.90 -2.56
CA SER A 351 1.64 18.65 -3.74
C SER A 351 2.30 18.11 -5.02
N TRP A 352 2.01 18.73 -6.17
CA TRP A 352 2.59 18.26 -7.43
C TRP A 352 4.14 18.39 -7.44
N ASP A 353 4.70 19.35 -6.71
CA ASP A 353 6.16 19.44 -6.56
C ASP A 353 6.77 18.14 -5.95
N GLY A 354 5.93 17.37 -5.23
CA GLY A 354 6.35 16.09 -4.61
C GLY A 354 6.31 14.95 -5.60
N TYR A 355 5.71 15.21 -6.75
CA TYR A 355 5.52 14.24 -7.82
C TYR A 355 5.97 14.88 -9.16
N PRO A 356 7.23 15.35 -9.22
CA PRO A 356 7.70 16.14 -10.39
C PRO A 356 7.70 15.40 -11.70
N ALA A 357 7.95 14.09 -11.70
CA ALA A 357 7.92 13.33 -12.96
C ALA A 357 6.52 13.20 -13.51
N GLN A 358 5.58 12.94 -12.61
CA GLN A 358 4.18 12.93 -13.02
C GLN A 358 3.82 14.28 -13.64
N ARG A 359 4.24 15.37 -13.01
CA ARG A 359 3.91 16.70 -13.54
C ARG A 359 4.55 16.90 -14.92
N GLU A 360 5.80 16.46 -15.07
CA GLU A 360 6.50 16.52 -16.35
C GLU A 360 5.75 15.80 -17.46
N ARG A 361 5.18 14.64 -17.17
CA ARG A 361 4.44 13.90 -18.18
C ARG A 361 3.21 14.69 -18.65
N VAL A 362 2.52 15.33 -17.70
CA VAL A 362 1.35 16.14 -18.05
C VAL A 362 1.76 17.37 -18.90
N ILE A 363 2.77 18.08 -18.46
CA ILE A 363 3.23 19.27 -19.17
C ILE A 363 3.77 18.89 -20.56
N ASN A 364 4.54 17.82 -20.65
CA ASN A 364 5.08 17.36 -21.93
C ASN A 364 3.99 17.03 -22.91
N PHE A 365 2.92 16.41 -22.42
CA PHE A 365 1.82 16.11 -23.31
C PHE A 365 1.15 17.42 -23.80
N ILE A 366 0.97 18.37 -22.89
CA ILE A 366 0.33 19.67 -23.19
C ILE A 366 1.16 20.45 -24.24
N LYS A 367 2.48 20.52 -24.01
CA LYS A 367 3.46 21.02 -25.00
C LYS A 367 3.32 20.34 -26.35
N SER A 368 3.27 19.01 -26.35
CA SER A 368 3.16 18.25 -27.60
C SER A 368 1.92 18.62 -28.42
N LYS A 369 0.85 19.06 -27.77
CA LYS A 369 -0.36 19.46 -28.50
C LYS A 369 -0.45 20.96 -28.70
N ASN A 370 0.58 21.68 -28.26
CA ASN A 370 0.65 23.11 -28.44
C ASN A 370 -0.48 23.89 -27.77
N LEU A 371 -0.95 23.42 -26.62
CA LEU A 371 -2.09 24.07 -25.95
C LEU A 371 -1.66 25.33 -25.22
N ASN A 372 -2.49 26.36 -25.24
CA ASN A 372 -2.26 27.49 -24.34
C ASN A 372 -3.53 27.93 -23.59
N ASN A 373 -4.46 27.00 -23.52
CA ASN A 373 -5.78 27.23 -22.92
C ASN A 373 -6.11 26.33 -21.69
N VAL A 374 -5.10 26.04 -20.89
CA VAL A 374 -5.21 25.09 -19.78
C VAL A 374 -5.33 25.87 -18.49
N VAL A 375 -6.41 25.62 -17.77
CA VAL A 375 -6.58 26.25 -16.48
C VAL A 375 -6.67 25.15 -15.41
N VAL A 376 -5.98 25.37 -14.31
CA VAL A 376 -5.96 24.42 -13.19
C VAL A 376 -6.60 25.09 -12.01
N LEU A 377 -7.61 24.42 -11.43
CA LEU A 377 -8.25 24.82 -10.19
C LEU A 377 -7.79 23.90 -9.06
N THR A 378 -7.55 24.48 -7.91
CA THR A 378 -6.87 23.84 -6.80
C THR A 378 -7.45 24.28 -5.44
N GLY A 379 -7.38 23.41 -4.43
CA GLY A 379 -7.66 23.79 -3.07
C GLY A 379 -6.49 23.44 -2.17
N ASP A 380 -6.80 22.79 -1.04
CA ASP A 380 -5.83 22.13 -0.12
C ASP A 380 -5.00 23.04 0.77
N VAL A 381 -4.56 24.17 0.23
CA VAL A 381 -3.53 24.96 0.91
C VAL A 381 -4.05 26.07 1.79
N HIS A 382 -5.37 26.21 1.87
CA HIS A 382 -6.02 27.10 2.85
C HIS A 382 -5.62 28.58 2.67
N ALA A 383 -5.36 28.96 1.43
CA ALA A 383 -5.02 30.35 1.09
C ALA A 383 -5.13 30.48 -0.42
N SER A 384 -5.33 31.70 -0.86
CA SER A 384 -5.50 31.96 -2.28
C SER A 384 -4.16 32.25 -2.92
N TRP A 385 -3.95 31.65 -4.08
CA TRP A 385 -2.79 31.93 -4.92
C TRP A 385 -3.24 31.98 -6.39
N ALA A 386 -2.43 32.58 -7.25
CA ALA A 386 -2.61 32.50 -8.67
C ALA A 386 -1.25 32.51 -9.35
N SER A 387 -1.09 31.70 -10.38
CA SER A 387 0.18 31.51 -11.08
C SER A 387 -0.01 31.46 -12.57
N ASN A 388 0.95 32.05 -13.28
CA ASN A 388 1.16 31.71 -14.67
C ASN A 388 1.80 30.31 -14.74
N LEU A 389 1.32 29.48 -15.65
CA LEU A 389 1.91 28.16 -15.91
C LEU A 389 2.76 28.21 -17.17
N HIS A 390 4.07 28.03 -17.00
CA HIS A 390 5.04 28.04 -18.10
C HIS A 390 5.42 26.64 -18.56
N VAL A 391 5.69 26.46 -19.86
CA VAL A 391 6.04 25.12 -20.36
C VAL A 391 7.33 24.56 -19.75
N ASP A 392 8.17 25.45 -19.23
CA ASP A 392 9.31 25.06 -18.44
C ASP A 392 9.18 25.82 -17.13
N PHE A 393 8.99 25.09 -16.04
CA PHE A 393 8.71 25.70 -14.74
C PHE A 393 9.85 26.47 -14.14
N GLU A 394 11.05 26.35 -14.73
CA GLU A 394 12.22 27.10 -14.28
C GLU A 394 12.48 28.38 -15.11
N LYS A 395 11.74 28.57 -16.21
CA LYS A 395 11.98 29.69 -17.12
C LYS A 395 10.74 30.57 -17.31
N THR A 396 10.78 31.77 -16.74
CA THR A 396 9.70 32.74 -17.00
C THR A 396 9.70 33.23 -18.45
N SER A 397 10.81 33.04 -19.17
CA SER A 397 10.84 33.34 -20.58
C SER A 397 10.12 32.29 -21.42
N SER A 398 9.85 31.11 -20.88
CA SER A 398 9.22 30.05 -21.69
C SER A 398 7.74 30.40 -21.94
N LYS A 399 7.18 29.72 -22.91
CA LYS A 399 5.81 29.95 -23.30
C LYS A 399 4.80 29.62 -22.16
N ILE A 400 3.82 30.51 -21.99
CA ILE A 400 2.75 30.31 -21.03
C ILE A 400 1.67 29.42 -21.65
N PHE A 401 1.44 28.25 -21.04
CA PHE A 401 0.43 27.35 -21.56
C PHE A 401 -0.91 27.52 -20.81
N GLY A 402 -0.91 28.27 -19.73
CA GLY A 402 -2.13 28.43 -18.97
C GLY A 402 -1.95 29.14 -17.66
N ALA A 403 -2.87 28.89 -16.74
CA ALA A 403 -2.87 29.53 -15.44
C ALA A 403 -3.42 28.56 -14.37
N GLU A 404 -3.01 28.78 -13.14
CA GLU A 404 -3.54 28.06 -11.97
C GLU A 404 -4.19 29.05 -11.02
N PHE A 405 -5.44 28.74 -10.62
CA PHE A 405 -6.12 29.46 -9.56
C PHE A 405 -6.28 28.53 -8.36
N VAL A 406 -5.58 28.86 -7.31
CA VAL A 406 -5.63 28.12 -6.06
C VAL A 406 -6.59 28.85 -5.15
N GLY A 407 -7.67 28.20 -4.80
CA GLY A 407 -8.62 28.82 -3.88
C GLY A 407 -8.31 28.65 -2.43
N THR A 408 -8.56 29.71 -1.67
CA THR A 408 -8.54 29.63 -0.23
C THR A 408 -9.59 28.64 0.32
N SER A 409 -9.56 28.42 1.61
CA SER A 409 -10.50 27.53 2.28
C SER A 409 -11.78 28.29 2.68
N ILE A 410 -12.88 27.56 2.74
CA ILE A 410 -14.16 28.05 3.27
C ILE A 410 -14.00 28.46 4.72
N THR A 411 -13.33 27.62 5.53
CA THR A 411 -13.01 27.95 6.92
C THR A 411 -11.65 27.49 7.46
N SER A 412 -11.07 26.43 6.89
CA SER A 412 -9.89 25.79 7.53
C SER A 412 -8.81 26.81 7.73
N GLY A 413 -8.33 26.88 8.96
CA GLY A 413 -7.24 27.79 9.33
C GLY A 413 -7.69 29.02 10.06
N GLY A 414 -8.99 29.32 10.04
CA GLY A 414 -9.50 30.43 10.84
C GLY A 414 -9.47 31.76 10.10
N ASN A 415 -9.38 32.87 10.82
CA ASN A 415 -9.65 34.16 10.20
C ASN A 415 -8.59 34.62 9.21
N GLY A 416 -7.34 34.27 9.50
CA GLY A 416 -6.26 34.56 8.56
C GLY A 416 -5.97 36.06 8.47
N ALA A 417 -5.47 36.47 7.31
CA ALA A 417 -4.93 37.82 7.14
C ALA A 417 -4.71 38.10 5.68
N ASP A 418 -4.36 39.35 5.33
CA ASP A 418 -4.11 39.65 3.93
C ASP A 418 -2.80 39.04 3.45
N LYS A 419 -1.84 38.95 4.35
CA LYS A 419 -0.47 38.57 4.04
C LYS A 419 0.11 37.82 5.24
N ARG A 420 1.09 36.96 4.99
CA ARG A 420 1.78 36.16 6.02
C ARG A 420 3.27 36.55 6.12
N ALA A 421 3.97 35.97 7.08
CA ALA A 421 5.40 36.22 7.28
C ALA A 421 6.28 35.77 6.11
N ASP A 422 5.88 34.75 5.36
CA ASP A 422 6.72 34.20 4.30
C ASP A 422 6.26 34.61 2.91
N THR A 423 5.21 35.42 2.83
CA THR A 423 4.67 35.80 1.52
C THR A 423 5.68 36.46 0.58
N ASP A 424 6.38 37.48 1.06
CA ASP A 424 7.35 38.18 0.20
C ASP A 424 8.45 37.25 -0.27
N GLN A 425 8.97 36.40 0.62
CA GLN A 425 10.00 35.42 0.27
C GLN A 425 9.54 34.48 -0.83
N ILE A 426 8.37 33.89 -0.64
CA ILE A 426 7.88 32.90 -1.58
C ILE A 426 7.66 33.53 -2.95
N LEU A 427 7.09 34.74 -2.95
CA LEU A 427 6.82 35.43 -4.22
C LEU A 427 8.12 35.78 -4.95
N LYS A 428 9.10 36.25 -4.19
CA LYS A 428 10.44 36.53 -4.72
C LYS A 428 11.02 35.29 -5.40
N GLU A 429 10.93 34.15 -4.72
CA GLU A 429 11.58 32.93 -5.17
C GLU A 429 10.82 32.28 -6.30
N ASN A 430 9.54 32.66 -6.46
CA ASN A 430 8.64 32.00 -7.40
C ASN A 430 7.91 33.04 -8.28
N PRO A 431 8.63 33.66 -9.22
CA PRO A 431 8.11 34.84 -9.94
C PRO A 431 6.92 34.54 -10.87
N HIS A 432 6.66 33.28 -11.16
CA HIS A 432 5.45 32.92 -11.87
C HIS A 432 4.17 33.13 -11.02
N ILE A 433 4.33 33.28 -9.71
CA ILE A 433 3.22 33.45 -8.81
C ILE A 433 2.82 34.93 -8.74
N GLN A 434 1.57 35.21 -9.06
CA GLN A 434 1.08 36.57 -9.24
C GLN A 434 0.24 37.08 -8.08
N PHE A 435 -0.12 36.21 -7.13
CA PHE A 435 -1.08 36.59 -6.10
C PHE A 435 -0.99 35.70 -4.86
N PHE A 436 -1.09 36.31 -3.68
CA PHE A 436 -1.32 35.60 -2.43
C PHE A 436 -2.33 36.39 -1.61
N ASN A 437 -3.26 35.66 -0.96
CA ASN A 437 -4.14 36.20 0.06
C ASN A 437 -4.52 35.12 1.08
N ASP A 438 -4.75 35.48 2.34
CA ASP A 438 -5.03 34.46 3.39
C ASP A 438 -6.32 34.71 4.18
N TYR A 439 -7.35 35.21 3.50
CA TYR A 439 -8.71 35.29 4.06
C TYR A 439 -9.54 34.14 3.52
N ARG A 440 -10.56 33.74 4.28
CA ARG A 440 -11.45 32.66 3.87
C ARG A 440 -12.44 33.14 2.80
N GLY A 441 -12.97 32.20 2.05
CA GLY A 441 -13.92 32.48 1.00
C GLY A 441 -13.90 31.40 -0.06
N TYR A 442 -13.99 31.83 -1.31
CA TYR A 442 -14.10 30.95 -2.45
C TYR A 442 -13.74 31.74 -3.70
N VAL A 443 -13.71 31.08 -4.84
CA VAL A 443 -13.27 31.69 -6.10
C VAL A 443 -14.41 31.59 -7.09
N ARG A 444 -14.70 32.72 -7.75
CA ARG A 444 -15.74 32.75 -8.78
C ARG A 444 -15.11 32.96 -10.16
N CYS A 445 -15.42 32.07 -11.10
CA CYS A 445 -14.83 32.15 -12.43
C CYS A 445 -15.89 32.53 -13.47
N THR A 446 -15.53 33.45 -14.37
CA THR A 446 -16.38 33.83 -15.50
C THR A 446 -15.61 33.60 -16.77
N VAL A 447 -16.13 32.75 -17.63
CA VAL A 447 -15.39 32.27 -18.75
C VAL A 447 -16.09 32.65 -20.04
N THR A 448 -15.31 33.21 -20.97
CA THR A 448 -15.76 33.48 -22.33
C THR A 448 -14.72 32.85 -23.26
N PRO A 449 -15.02 32.75 -24.56
CA PRO A 449 -14.11 32.09 -25.48
C PRO A 449 -12.67 32.61 -25.50
N HIS A 450 -12.47 33.91 -25.26
CA HIS A 450 -11.13 34.48 -25.37
C HIS A 450 -10.58 34.99 -24.07
N GLN A 451 -11.35 34.82 -23.00
CA GLN A 451 -10.93 35.31 -21.72
C GLN A 451 -11.45 34.49 -20.52
N TRP A 452 -10.57 34.27 -19.55
CA TRP A 452 -10.93 33.62 -18.28
C TRP A 452 -10.71 34.63 -17.19
N LYS A 453 -11.75 34.91 -16.42
CA LYS A 453 -11.61 35.77 -15.26
C LYS A 453 -11.87 35.00 -13.97
N ALA A 454 -11.00 35.21 -12.99
CA ALA A 454 -11.12 34.64 -11.65
C ALA A 454 -11.24 35.77 -10.67
N ASP A 455 -12.33 35.78 -9.90
CA ASP A 455 -12.51 36.67 -8.77
C ASP A 455 -12.33 35.93 -7.44
N TYR A 456 -11.48 36.46 -6.56
CA TYR A 456 -11.27 35.89 -5.24
C TYR A 456 -12.20 36.56 -4.26
N ARG A 457 -13.19 35.80 -3.80
CA ARG A 457 -14.26 36.32 -2.96
C ARG A 457 -14.00 35.97 -1.53
N VAL A 458 -13.67 36.96 -0.69
CA VAL A 458 -13.20 36.68 0.65
C VAL A 458 -13.85 37.51 1.75
N MET A 459 -13.63 37.11 3.00
CA MET A 459 -14.21 37.72 4.18
C MET A 459 -13.12 37.97 5.19
N PRO A 460 -13.29 39.00 6.04
CA PRO A 460 -12.29 39.26 7.06
C PRO A 460 -12.22 38.20 8.19
N PHE A 461 -13.31 37.47 8.45
CA PHE A 461 -13.34 36.54 9.59
C PHE A 461 -14.42 35.48 9.40
N VAL A 462 -14.25 34.36 10.09
CA VAL A 462 -15.23 33.26 10.13
C VAL A 462 -15.50 32.80 11.57
N THR A 463 -14.79 33.34 12.56
CA THR A 463 -14.93 32.93 13.95
C THR A 463 -16.24 33.47 14.58
N GLU A 464 -16.82 34.49 13.93
CA GLU A 464 -18.16 34.99 14.23
C GLU A 464 -18.97 34.91 12.94
N PRO A 465 -20.26 34.61 13.04
CA PRO A 465 -21.12 34.69 11.86
C PRO A 465 -21.21 36.13 11.34
N GLY A 466 -21.54 36.27 10.06
CA GLY A 466 -21.98 37.55 9.49
C GLY A 466 -20.97 38.48 8.86
N ALA A 467 -19.77 38.00 8.56
CA ALA A 467 -18.80 38.79 7.79
C ALA A 467 -19.33 39.11 6.38
N ALA A 468 -19.00 40.31 5.92
CA ALA A 468 -19.30 40.75 4.57
C ALA A 468 -18.29 40.09 3.61
N ILE A 469 -18.68 39.89 2.35
CA ILE A 469 -17.77 39.34 1.35
C ILE A 469 -17.37 40.44 0.35
N SER A 470 -16.14 40.40 -0.16
CA SER A 470 -15.68 41.33 -1.20
C SER A 470 -14.78 40.58 -2.16
N THR A 471 -14.64 41.12 -3.36
CA THR A 471 -13.67 40.63 -4.31
C THR A 471 -12.31 41.26 -3.93
N ARG A 472 -11.42 40.45 -3.37
CA ARG A 472 -10.07 40.90 -2.99
C ARG A 472 -9.28 41.28 -4.23
N ALA A 473 -9.47 40.49 -5.28
CA ALA A 473 -8.71 40.69 -6.46
C ALA A 473 -9.34 39.89 -7.55
N SER A 474 -9.11 40.37 -8.76
CA SER A 474 -9.62 39.76 -9.95
C SER A 474 -8.51 39.69 -10.99
N PHE A 475 -8.41 38.54 -11.67
CA PHE A 475 -7.37 38.31 -12.68
C PHE A 475 -8.03 37.83 -13.92
N VAL A 476 -7.50 38.26 -15.06
CA VAL A 476 -7.93 37.74 -16.34
C VAL A 476 -6.75 37.09 -17.09
N TYR A 477 -7.03 36.00 -17.81
CA TYR A 477 -6.04 35.36 -18.66
C TYR A 477 -6.61 35.32 -20.05
N GLN A 478 -5.83 35.75 -21.02
CA GLN A 478 -6.28 35.84 -22.39
C GLN A 478 -5.51 35.06 -23.43
N LYS A 479 -4.82 33.98 -23.04
CA LYS A 479 -4.21 33.09 -24.02
C LYS A 479 -3.15 33.84 -24.85
N ASP A 480 -2.25 34.50 -24.15
CA ASP A 480 -1.11 35.14 -24.78
C ASP A 480 -0.01 35.17 -23.74
N GLN A 481 1.16 35.59 -24.18
CA GLN A 481 2.37 35.48 -23.40
C GLN A 481 2.43 36.48 -22.28
N THR A 482 1.44 37.35 -22.19
CA THR A 482 1.41 38.28 -21.07
C THR A 482 0.83 37.58 -19.81
N GLY A 483 0.11 36.48 -19.98
CA GLY A 483 -0.35 35.69 -18.81
C GLY A 483 -1.42 36.41 -18.02
N LEU A 484 -1.39 36.27 -16.69
CA LEU A 484 -2.45 36.78 -15.83
C LEU A 484 -2.33 38.30 -15.67
N ARG A 485 -3.46 38.99 -15.80
CA ARG A 485 -3.52 40.44 -15.60
C ARG A 485 -4.47 40.77 -14.46
N LYS A 486 -4.00 41.53 -13.49
CA LYS A 486 -4.79 41.92 -12.34
C LYS A 486 -5.69 43.07 -12.75
N VAL A 487 -7.01 42.86 -12.73
CA VAL A 487 -7.97 43.87 -13.19
C VAL A 487 -8.71 44.52 -12.04
N SER A 488 -8.46 44.04 -10.83
CA SER A 488 -9.10 44.59 -9.65
C SER A 488 -8.31 44.22 -8.40
N SER A 489 -8.32 45.09 -7.41
CA SER A 489 -7.69 44.82 -6.14
C SER A 489 -8.25 45.74 -5.07
N THR A 490 -8.72 45.18 -3.97
CA THR A 490 -9.40 45.94 -2.91
C THR A 490 -8.96 45.45 -1.54
N THR A 491 -8.72 46.39 -0.64
CA THR A 491 -8.34 46.05 0.71
C THR A 491 -9.61 45.61 1.46
N ILE A 492 -9.46 44.65 2.36
CA ILE A 492 -10.60 44.05 3.05
C ILE A 492 -10.78 44.74 4.38
N GLN A 493 -11.93 45.35 4.56
CA GLN A 493 -12.26 46.02 5.80
C GLN A 493 -12.46 45.04 6.94
N GLY A 494 -11.78 45.33 8.05
CA GLY A 494 -11.93 44.55 9.27
C GLY A 494 -11.02 43.33 9.34
N GLY A 495 -10.22 43.10 8.31
CA GLY A 495 -9.32 41.95 8.27
C GLY A 495 -7.94 42.27 8.83
N VAL A 496 -7.34 41.31 9.52
CA VAL A 496 -5.94 41.43 9.92
C VAL A 496 -5.08 41.64 8.67
N LYS A 497 -4.11 42.54 8.74
CA LYS A 497 -3.35 42.93 7.56
C LYS A 497 -2.21 41.96 7.28
N GLN A 498 -1.43 41.67 8.30
CA GLN A 498 -0.32 40.75 8.17
C GLN A 498 -0.18 39.90 9.42
N SER A 499 -0.10 38.58 9.26
CA SER A 499 0.10 37.69 10.40
C SER A 499 1.54 37.23 10.46
N ASP A 500 1.92 36.52 11.52
CA ASP A 500 3.23 35.86 11.55
C ASP A 500 3.17 34.37 11.16
N GLU A 501 2.08 33.95 10.54
CA GLU A 501 1.96 32.58 10.04
C GLU A 501 2.94 32.33 8.88
N VAL A 502 3.35 31.06 8.72
CA VAL A 502 4.15 30.63 7.57
C VAL A 502 3.54 29.34 7.07
N GLU A 503 3.86 28.93 5.85
CA GLU A 503 3.25 27.72 5.30
C GLU A 503 3.41 26.49 6.21
N GLU A 504 4.59 26.34 6.85
CA GLU A 504 4.88 25.19 7.72
C GLU A 504 3.83 25.04 8.86
N ASP A 505 3.13 26.11 9.22
CA ASP A 505 2.12 26.03 10.27
C ASP A 505 0.99 25.04 9.98
N ARG A 506 0.60 24.91 8.72
CA ARG A 506 -0.42 23.95 8.34
C ARG A 506 0.05 22.50 8.63
N PHE A 507 1.27 22.13 8.20
CA PHE A 507 1.85 20.81 8.51
C PHE A 507 2.00 20.62 10.03
N PHE A 508 2.47 21.64 10.70
CA PHE A 508 2.69 21.58 12.14
C PHE A 508 1.38 21.38 12.90
N SER A 509 0.34 22.08 12.46
CA SER A 509 -0.94 22.02 13.13
C SER A 509 -1.62 20.66 12.92
N HIS A 510 -1.50 20.08 11.73
CA HIS A 510 -1.95 18.71 11.49
C HIS A 510 -1.14 17.67 12.30
N ASN A 511 0.15 17.92 12.53
CA ASN A 511 0.97 16.99 13.33
C ASN A 511 0.64 17.09 14.82
N LYS A 512 0.37 18.30 15.30
CA LYS A 512 -0.14 18.48 16.67
C LYS A 512 -1.46 17.74 16.89
N ALA A 513 -2.34 17.75 15.88
CA ALA A 513 -3.60 17.03 15.95
C ALA A 513 -3.33 15.54 16.18
N HIS A 514 -2.49 14.95 15.33
CA HIS A 514 -2.15 13.52 15.43
C HIS A 514 -1.56 13.17 16.80
N GLU A 515 -0.70 14.04 17.29
CA GLU A 515 -0.11 13.86 18.62
C GLU A 515 -1.20 13.81 19.68
N LYS A 516 -2.11 14.79 19.67
CA LYS A 516 -3.25 14.81 20.61
C LYS A 516 -4.09 13.54 20.52
N GLN A 517 -4.32 13.04 19.30
CA GLN A 517 -5.04 11.77 19.10
C GLN A 517 -4.32 10.63 19.84
N MET A 518 -2.99 10.62 19.75
CA MET A 518 -2.18 9.59 20.41
C MET A 518 -2.22 9.76 21.94
N ILE A 519 -2.12 11.01 22.42
CA ILE A 519 -2.21 11.28 23.86
C ILE A 519 -3.57 10.86 24.44
N LYS A 520 -4.64 11.02 23.65
CA LYS A 520 -5.99 10.62 24.10
C LYS A 520 -6.09 9.10 24.32
N LYS A 521 -5.44 8.34 23.44
CA LYS A 521 -5.17 6.93 23.73
C LYS A 521 -4.09 6.78 24.83
N ARG A 522 -3.93 7.82 25.64
CA ARG A 522 -3.07 7.83 26.83
C ARG A 522 -1.62 7.44 26.55
N ALA B 1 5.79 -36.02 -29.86
CA ALA B 1 7.18 -36.29 -30.32
C ALA B 1 7.98 -35.00 -30.35
N PRO B 2 8.06 -34.30 -29.23
CA PRO B 2 8.97 -33.15 -29.15
C PRO B 2 10.42 -33.58 -29.24
N ASN B 3 11.23 -32.82 -29.99
CA ASN B 3 12.66 -33.08 -30.09
C ASN B 3 13.43 -31.83 -29.72
N PHE B 4 14.55 -32.02 -29.05
CA PHE B 4 15.29 -30.91 -28.47
C PHE B 4 16.69 -30.84 -29.05
N SER B 5 17.21 -29.63 -29.13
CA SER B 5 18.58 -29.41 -29.55
C SER B 5 19.53 -29.41 -28.37
N SER B 6 18.98 -29.36 -27.17
CA SER B 6 19.80 -29.48 -25.96
C SER B 6 18.96 -30.11 -24.83
N TYR B 7 19.63 -30.79 -23.90
CA TYR B 7 18.95 -31.50 -22.81
C TYR B 7 17.99 -30.54 -22.07
N PRO B 8 16.69 -30.84 -22.02
CA PRO B 8 15.73 -29.84 -21.51
C PRO B 8 15.64 -29.69 -19.99
N PHE B 9 16.07 -30.71 -19.23
CA PHE B 9 15.89 -30.70 -17.78
C PHE B 9 17.11 -30.12 -17.07
N THR B 10 17.49 -28.92 -17.47
CA THR B 10 18.66 -28.20 -16.94
C THR B 10 18.47 -27.71 -15.51
N LEU B 11 17.22 -27.65 -15.06
CA LEU B 11 16.94 -27.22 -13.68
C LEU B 11 16.62 -28.40 -12.77
N GLY B 12 16.81 -29.60 -13.31
CA GLY B 12 16.57 -30.83 -12.56
C GLY B 12 15.10 -31.07 -12.28
N VAL B 13 14.84 -31.71 -11.14
CA VAL B 13 13.52 -32.03 -10.69
C VAL B 13 13.39 -31.68 -9.20
N ALA B 14 12.16 -31.68 -8.73
CA ALA B 14 11.88 -31.36 -7.33
C ALA B 14 10.59 -32.02 -6.92
N SER B 15 10.41 -32.13 -5.61
CA SER B 15 9.15 -32.55 -5.05
C SER B 15 8.80 -31.71 -3.83
N GLY B 16 7.52 -31.67 -3.50
CA GLY B 16 7.11 -30.84 -2.38
C GLY B 16 5.70 -30.98 -1.87
N ASP B 17 5.42 -30.22 -0.82
CA ASP B 17 4.13 -30.18 -0.18
C ASP B 17 3.53 -31.58 -0.04
N PRO B 18 4.25 -32.45 0.67
CA PRO B 18 3.78 -33.81 0.82
C PRO B 18 2.58 -33.87 1.75
N LEU B 19 1.63 -34.73 1.42
CA LEU B 19 0.55 -35.09 2.32
C LEU B 19 0.62 -36.61 2.52
N SER B 20 -0.33 -37.20 3.25
CA SER B 20 -0.23 -38.64 3.55
C SER B 20 -0.48 -39.53 2.34
N ASP B 21 -1.17 -39.00 1.32
CA ASP B 21 -1.54 -39.78 0.15
C ASP B 21 -1.09 -39.17 -1.20
N SER B 22 -0.31 -38.10 -1.17
CA SER B 22 0.10 -37.43 -2.40
C SER B 22 1.31 -36.55 -2.16
N VAL B 23 1.94 -36.14 -3.25
CA VAL B 23 3.06 -35.21 -3.18
C VAL B 23 3.07 -34.41 -4.48
N VAL B 24 3.63 -33.20 -4.47
CA VAL B 24 3.82 -32.45 -5.70
C VAL B 24 5.16 -32.85 -6.35
N LEU B 25 5.11 -33.14 -7.64
CA LEU B 25 6.31 -33.34 -8.46
C LEU B 25 6.49 -32.14 -9.41
N TRP B 26 7.73 -31.67 -9.54
CA TRP B 26 8.06 -30.46 -10.28
C TRP B 26 9.22 -30.72 -11.26
N THR B 27 9.08 -30.16 -12.45
CA THR B 27 10.25 -29.89 -13.29
C THR B 27 9.96 -28.69 -14.20
N ARG B 28 10.92 -28.35 -15.05
CA ARG B 28 10.75 -27.29 -16.03
C ARG B 28 11.54 -27.65 -17.28
N LEU B 29 10.94 -27.45 -18.44
CA LEU B 29 11.66 -27.61 -19.70
C LEU B 29 12.38 -26.30 -20.04
N ALA B 30 13.70 -26.33 -19.97
CA ALA B 30 14.51 -25.11 -20.17
C ALA B 30 15.88 -25.45 -20.81
N PRO B 31 15.87 -25.96 -22.03
CA PRO B 31 17.14 -26.29 -22.74
C PRO B 31 18.17 -25.13 -22.84
N ASP B 32 17.74 -23.86 -22.85
CA ASP B 32 18.63 -22.64 -22.73
C ASP B 32 18.20 -21.74 -21.54
N PRO B 33 18.59 -22.09 -20.30
CA PRO B 33 17.83 -21.64 -19.12
C PRO B 33 17.98 -20.17 -18.74
N LEU B 34 19.16 -19.60 -18.94
CA LEU B 34 19.39 -18.20 -18.59
C LEU B 34 18.92 -17.20 -19.67
N ASN B 35 18.52 -17.69 -20.83
CA ASN B 35 17.98 -16.87 -21.93
C ASN B 35 16.50 -17.15 -22.21
N GLY B 36 15.72 -17.32 -21.15
CA GLY B 36 14.28 -17.48 -21.26
C GLY B 36 13.81 -18.91 -21.39
N GLY B 37 14.73 -19.86 -21.49
CA GLY B 37 14.35 -21.26 -21.62
C GLY B 37 14.62 -21.90 -22.98
N GLY B 38 14.55 -21.10 -24.05
CA GLY B 38 14.78 -21.57 -25.41
C GLY B 38 13.73 -22.50 -25.95
N MET B 39 12.50 -22.39 -25.44
CA MET B 39 11.43 -23.28 -25.90
C MET B 39 10.60 -22.56 -26.97
N PRO B 40 9.97 -23.31 -27.87
CA PRO B 40 8.98 -22.72 -28.77
C PRO B 40 7.68 -22.37 -28.04
N LYS B 41 6.89 -21.50 -28.63
CA LYS B 41 5.63 -21.05 -28.04
C LYS B 41 4.53 -22.05 -28.38
N GLN B 42 4.65 -23.25 -27.83
CA GLN B 42 3.59 -24.27 -27.94
C GLN B 42 3.66 -25.20 -26.74
N ALA B 43 2.53 -25.83 -26.45
CA ALA B 43 2.43 -26.75 -25.32
C ALA B 43 3.21 -28.01 -25.69
N VAL B 44 3.87 -28.60 -24.70
CA VAL B 44 4.70 -29.79 -24.91
C VAL B 44 4.27 -30.85 -23.87
N PRO B 45 3.96 -32.07 -24.32
CA PRO B 45 3.57 -33.11 -23.38
C PRO B 45 4.76 -33.62 -22.58
N VAL B 46 4.53 -33.81 -21.28
CA VAL B 46 5.57 -34.34 -20.40
C VAL B 46 4.96 -35.47 -19.58
N LYS B 47 5.50 -36.67 -19.79
CA LYS B 47 5.04 -37.85 -19.06
C LYS B 47 5.77 -37.92 -17.73
N TRP B 48 5.11 -38.50 -16.74
CA TRP B 48 5.68 -38.64 -15.41
C TRP B 48 5.30 -40.01 -14.84
N GLU B 49 6.16 -40.52 -13.97
CA GLU B 49 5.98 -41.82 -13.32
C GLU B 49 6.45 -41.74 -11.88
N VAL B 50 5.72 -42.43 -11.01
CA VAL B 50 6.11 -42.62 -9.62
C VAL B 50 6.23 -44.12 -9.37
N ALA B 51 7.32 -44.52 -8.72
CA ALA B 51 7.61 -45.92 -8.47
C ALA B 51 8.06 -46.16 -7.04
N LYS B 52 7.95 -47.41 -6.59
CA LYS B 52 8.43 -47.78 -5.26
C LYS B 52 9.92 -47.99 -5.26
N ASP B 53 10.51 -48.12 -6.44
CA ASP B 53 11.90 -48.46 -6.58
C ASP B 53 12.61 -47.56 -7.56
N GLU B 54 13.93 -47.44 -7.42
CA GLU B 54 14.68 -46.51 -8.25
C GLU B 54 14.89 -46.95 -9.69
N HIS B 55 14.57 -48.21 -10.01
CA HIS B 55 14.66 -48.72 -11.38
C HIS B 55 13.32 -48.72 -12.11
N PHE B 56 12.27 -48.24 -11.44
CA PHE B 56 10.97 -48.06 -12.05
C PHE B 56 10.36 -49.34 -12.59
N ARG B 57 10.59 -50.44 -11.87
CA ARG B 57 9.93 -51.71 -12.14
C ARG B 57 8.59 -51.80 -11.41
N LYS B 58 8.46 -51.03 -10.33
CA LYS B 58 7.25 -51.05 -9.52
C LYS B 58 6.54 -49.69 -9.56
N ILE B 59 5.95 -49.39 -10.72
CA ILE B 59 5.28 -48.11 -10.94
C ILE B 59 3.90 -48.12 -10.31
N VAL B 60 3.59 -47.09 -9.51
CA VAL B 60 2.30 -46.98 -8.81
C VAL B 60 1.40 -45.92 -9.39
N ARG B 61 1.97 -44.97 -10.13
CA ARG B 61 1.21 -43.84 -10.61
C ARG B 61 1.93 -43.23 -11.79
N LYS B 62 1.18 -42.85 -12.81
CA LYS B 62 1.76 -42.25 -14.00
C LYS B 62 0.74 -41.37 -14.68
N GLY B 63 1.22 -40.48 -15.54
CA GLY B 63 0.33 -39.61 -16.30
C GLY B 63 1.08 -38.76 -17.31
N THR B 64 0.36 -37.81 -17.90
CA THR B 64 0.94 -36.85 -18.85
C THR B 64 0.40 -35.46 -18.54
N GLU B 65 1.31 -34.49 -18.39
CA GLU B 65 0.94 -33.08 -18.24
C GLU B 65 1.34 -32.34 -19.50
N MET B 66 0.66 -31.23 -19.78
CA MET B 66 1.05 -30.37 -20.89
C MET B 66 1.79 -29.16 -20.34
N ALA B 67 3.09 -29.10 -20.57
CA ALA B 67 3.91 -27.94 -20.18
C ALA B 67 3.56 -26.79 -21.12
N LYS B 68 3.29 -25.60 -20.58
CA LYS B 68 2.80 -24.48 -21.42
C LYS B 68 3.75 -23.29 -21.37
N PRO B 69 3.88 -22.57 -22.49
CA PRO B 69 4.62 -21.32 -22.52
C PRO B 69 4.22 -20.30 -21.44
N SER B 70 2.92 -20.19 -21.13
CA SER B 70 2.46 -19.18 -20.17
C SER B 70 2.98 -19.44 -18.74
N LEU B 71 3.40 -20.67 -18.47
CA LEU B 71 4.06 -20.98 -17.17
C LEU B 71 5.55 -21.43 -17.34
N ALA B 72 6.20 -20.89 -18.38
CA ALA B 72 7.62 -21.13 -18.70
C ALA B 72 7.94 -22.62 -18.89
N HIS B 73 6.96 -23.37 -19.38
CA HIS B 73 7.03 -24.81 -19.54
C HIS B 73 7.45 -25.53 -18.25
N SER B 74 6.99 -24.99 -17.12
CA SER B 74 7.08 -25.70 -15.85
C SER B 74 6.04 -26.82 -15.83
N VAL B 75 6.27 -27.79 -14.96
CA VAL B 75 5.36 -28.89 -14.75
C VAL B 75 5.09 -29.04 -13.25
N HIS B 76 3.82 -29.02 -12.86
CA HIS B 76 3.41 -29.33 -11.48
C HIS B 76 2.45 -30.48 -11.54
N VAL B 77 2.77 -31.57 -10.85
CA VAL B 77 1.94 -32.76 -10.86
C VAL B 77 1.58 -33.03 -9.39
N GLU B 78 0.30 -33.22 -9.10
CA GLU B 78 -0.09 -33.66 -7.77
C GLU B 78 -0.34 -35.17 -7.85
N ALA B 79 0.70 -35.94 -7.55
CA ALA B 79 0.66 -37.39 -7.69
C ALA B 79 -0.06 -37.92 -6.48
N ASP B 80 -1.25 -38.49 -6.68
CA ASP B 80 -2.06 -38.97 -5.58
C ASP B 80 -2.20 -40.49 -5.66
N GLY B 81 -3.04 -41.06 -4.80
CA GLY B 81 -3.20 -42.50 -4.72
C GLY B 81 -1.98 -43.19 -4.13
N LEU B 82 -1.27 -42.50 -3.24
CA LEU B 82 -0.06 -43.03 -2.63
C LEU B 82 -0.34 -43.52 -1.20
N GLU B 83 0.59 -44.27 -0.65
CA GLU B 83 0.49 -44.76 0.71
C GLU B 83 1.26 -43.85 1.65
N PRO B 84 0.86 -43.81 2.92
CA PRO B 84 1.48 -42.88 3.87
C PRO B 84 2.85 -43.30 4.34
N ASN B 85 3.64 -42.33 4.73
CA ASN B 85 4.97 -42.54 5.27
C ASN B 85 5.84 -43.46 4.43
N LYS B 86 5.77 -43.29 3.12
CA LYS B 86 6.48 -44.15 2.18
C LYS B 86 7.36 -43.36 1.21
N VAL B 87 8.57 -43.89 0.98
CA VAL B 87 9.52 -43.35 0.02
C VAL B 87 9.14 -43.75 -1.39
N TYR B 88 9.20 -42.78 -2.31
CA TYR B 88 8.94 -43.07 -3.71
C TYR B 88 10.01 -42.42 -4.59
N TYR B 89 10.12 -42.93 -5.81
CA TYR B 89 10.97 -42.37 -6.81
C TYR B 89 10.11 -41.84 -7.94
N TYR B 90 10.60 -40.78 -8.60
CA TYR B 90 9.82 -40.19 -9.68
C TYR B 90 10.75 -39.71 -10.79
N ARG B 91 10.20 -39.64 -11.99
CA ARG B 91 10.92 -39.07 -13.12
C ARG B 91 9.96 -38.64 -14.20
N PHE B 92 10.47 -37.82 -15.10
CA PHE B 92 9.71 -37.28 -16.20
C PHE B 92 10.36 -37.67 -17.52
N LYS B 93 9.54 -37.67 -18.57
CA LYS B 93 9.97 -37.97 -19.90
C LYS B 93 9.26 -37.01 -20.87
N THR B 94 10.03 -36.37 -21.75
CA THR B 94 9.45 -35.53 -22.80
C THR B 94 10.10 -35.92 -24.14
N GLY B 95 9.26 -36.36 -25.07
CA GLY B 95 9.73 -37.02 -26.25
C GLY B 95 10.52 -38.22 -25.80
N HIS B 96 11.78 -38.26 -26.20
CA HIS B 96 12.69 -39.33 -25.78
C HIS B 96 13.62 -38.91 -24.64
N GLU B 97 13.50 -37.66 -24.17
CA GLU B 97 14.41 -37.15 -23.12
C GLU B 97 13.92 -37.55 -21.75
N LEU B 98 14.84 -38.03 -20.88
CA LEU B 98 14.51 -38.43 -19.51
C LEU B 98 15.13 -37.45 -18.51
N SER B 99 14.35 -37.11 -17.49
CA SER B 99 14.85 -36.29 -16.39
C SER B 99 15.74 -37.12 -15.47
N PRO B 100 16.51 -36.46 -14.62
CA PRO B 100 17.04 -37.13 -13.45
C PRO B 100 15.93 -37.78 -12.62
N VAL B 101 16.30 -38.79 -11.85
CA VAL B 101 15.36 -39.44 -10.97
C VAL B 101 15.33 -38.69 -9.65
N GLY B 102 14.13 -38.43 -9.16
CA GLY B 102 13.98 -37.82 -7.87
C GLY B 102 13.50 -38.84 -6.85
N LYS B 103 13.77 -38.53 -5.59
CA LYS B 103 13.28 -39.27 -4.45
C LYS B 103 12.39 -38.40 -3.56
N THR B 104 11.30 -38.98 -3.08
CA THR B 104 10.38 -38.26 -2.24
C THR B 104 9.75 -39.16 -1.19
N LYS B 105 8.92 -38.58 -0.34
CA LYS B 105 8.32 -39.31 0.77
C LYS B 105 7.01 -38.66 1.25
N THR B 106 5.95 -39.46 1.31
CA THR B 106 4.66 -39.01 1.81
C THR B 106 4.71 -38.85 3.33
N LEU B 107 3.80 -38.05 3.85
CA LEU B 107 3.67 -37.88 5.29
C LEU B 107 3.06 -39.14 5.91
N PRO B 108 3.25 -39.32 7.21
CA PRO B 108 2.43 -40.29 7.97
C PRO B 108 0.95 -40.00 7.88
N ALA B 109 0.13 -41.02 8.10
CA ALA B 109 -1.33 -40.84 8.20
C ALA B 109 -1.62 -39.87 9.33
N PRO B 110 -2.65 -39.03 9.17
CA PRO B 110 -2.99 -38.06 10.22
C PRO B 110 -3.17 -38.77 11.58
N GLY B 111 -2.59 -38.22 12.63
CA GLY B 111 -2.66 -38.85 13.95
C GLY B 111 -1.78 -40.07 14.16
N ALA B 112 -1.10 -40.57 13.12
CA ALA B 112 -0.18 -41.70 13.28
C ALA B 112 0.81 -41.39 14.39
N ASN B 113 1.09 -42.40 15.20
CA ASN B 113 1.94 -42.25 16.35
C ASN B 113 3.42 -42.43 16.01
N VAL B 114 4.00 -41.46 15.31
CA VAL B 114 5.35 -41.59 14.80
C VAL B 114 6.38 -41.24 15.86
N PRO B 115 7.43 -42.05 15.99
CA PRO B 115 8.43 -41.86 17.05
C PRO B 115 9.44 -40.76 16.81
N GLN B 116 9.72 -40.42 15.55
CA GLN B 116 10.82 -39.51 15.23
C GLN B 116 10.62 -38.84 13.87
N MET B 117 11.15 -37.64 13.74
CA MET B 117 11.16 -36.91 12.46
C MET B 117 12.50 -36.22 12.38
N THR B 118 13.10 -36.21 11.20
CA THR B 118 14.33 -35.45 10.96
C THR B 118 14.13 -34.59 9.70
N PHE B 119 14.52 -33.33 9.80
CA PHE B 119 14.38 -32.40 8.67
C PHE B 119 15.48 -31.38 8.75
N ALA B 120 15.68 -30.63 7.67
CA ALA B 120 16.63 -29.56 7.65
C ALA B 120 15.87 -28.29 7.29
N PHE B 121 16.38 -27.14 7.68
CA PHE B 121 15.86 -25.88 7.15
C PHE B 121 16.99 -24.96 6.74
N ALA B 122 16.69 -24.17 5.71
CA ALA B 122 17.69 -23.36 5.09
C ALA B 122 17.08 -22.00 4.69
N SER B 123 17.92 -21.01 4.54
CA SER B 123 17.52 -19.73 3.93
C SER B 123 18.74 -19.04 3.35
N CYS B 124 18.50 -18.00 2.54
CA CYS B 124 19.50 -16.98 2.22
C CYS B 124 20.73 -17.53 1.44
N GLN B 125 20.53 -17.69 0.16
CA GLN B 125 21.53 -18.29 -0.71
C GLN B 125 21.99 -17.34 -1.83
N GLN B 126 22.44 -16.14 -1.47
CA GLN B 126 22.93 -15.18 -2.43
C GLN B 126 23.97 -15.88 -3.32
N TYR B 127 23.65 -16.03 -4.60
CA TYR B 127 24.45 -16.79 -5.56
C TYR B 127 25.87 -16.25 -5.69
N GLU B 128 25.99 -14.94 -5.60
CA GLU B 128 27.24 -14.26 -5.81
C GLU B 128 28.20 -14.43 -4.63
N HIS B 129 27.65 -14.73 -3.45
CA HIS B 129 28.44 -14.67 -2.23
C HIS B 129 29.23 -15.96 -1.95
N GLY B 130 28.84 -17.04 -2.61
CA GLY B 130 29.60 -18.27 -2.47
C GLY B 130 29.00 -19.41 -3.21
N TYR B 131 29.74 -20.53 -3.12
CA TYR B 131 29.31 -21.80 -3.68
C TYR B 131 28.31 -22.49 -2.75
N TYR B 132 27.45 -23.32 -3.34
CA TYR B 132 26.38 -24.03 -2.64
C TYR B 132 26.85 -25.39 -2.07
N THR B 133 28.04 -25.38 -1.52
CA THR B 133 28.58 -26.55 -0.81
C THR B 133 27.61 -27.05 0.26
N ALA B 134 26.92 -26.12 0.94
CA ALA B 134 25.96 -26.51 1.96
C ALA B 134 24.97 -27.52 1.43
N TYR B 135 24.50 -27.34 0.19
CA TYR B 135 23.53 -28.24 -0.37
C TYR B 135 24.14 -29.61 -0.81
N LYS B 136 25.41 -29.59 -1.20
CA LYS B 136 26.13 -30.86 -1.47
C LYS B 136 26.08 -31.74 -0.22
N HIS B 137 26.39 -31.14 0.91
CA HIS B 137 26.30 -31.82 2.22
C HIS B 137 24.86 -32.18 2.60
N MET B 138 23.90 -31.28 2.38
CA MET B 138 22.53 -31.56 2.77
C MET B 138 21.98 -32.75 2.00
N ALA B 139 22.38 -32.88 0.74
CA ALA B 139 21.90 -33.96 -0.11
C ALA B 139 22.31 -35.35 0.42
N LYS B 140 23.33 -35.38 1.27
CA LYS B 140 23.80 -36.64 1.89
C LYS B 140 23.13 -36.94 3.23
N GLU B 141 22.31 -36.02 3.73
CA GLU B 141 21.65 -36.19 5.03
C GLU B 141 20.50 -37.15 4.86
N LYS B 142 20.09 -37.78 5.95
CA LYS B 142 18.89 -38.63 5.94
C LYS B 142 17.74 -37.83 6.53
N LEU B 143 16.90 -37.26 5.66
CA LEU B 143 15.86 -36.35 6.11
C LEU B 143 14.54 -36.80 5.59
N ASP B 144 13.50 -36.49 6.37
N ASP B 144 13.48 -36.51 6.35
CA ASP B 144 12.12 -36.71 5.96
CA ASP B 144 12.13 -36.75 5.88
C ASP B 144 11.58 -35.59 5.06
C ASP B 144 11.65 -35.60 4.97
N LEU B 145 12.12 -34.38 5.24
CA LEU B 145 11.80 -33.22 4.38
C LEU B 145 12.73 -32.07 4.64
N VAL B 146 12.64 -31.06 3.76
CA VAL B 146 13.41 -29.85 3.90
C VAL B 146 12.45 -28.64 3.87
N PHE B 147 12.74 -27.63 4.69
CA PHE B 147 12.06 -26.33 4.66
C PHE B 147 13.00 -25.29 4.11
N HIS B 148 12.49 -24.45 3.21
CA HIS B 148 13.20 -23.25 2.87
C HIS B 148 12.40 -22.03 3.38
N LEU B 149 13.09 -21.13 4.07
CA LEU B 149 12.45 -20.06 4.82
C LEU B 149 12.63 -18.66 4.20
N GLY B 150 13.25 -18.59 3.02
CA GLY B 150 13.26 -17.33 2.23
C GLY B 150 14.61 -16.94 1.67
N ASP B 151 14.58 -15.91 0.82
CA ASP B 151 15.72 -15.44 0.06
C ASP B 151 16.32 -16.62 -0.71
N TYR B 152 15.44 -17.36 -1.37
CA TYR B 152 15.84 -18.40 -2.29
C TYR B 152 16.51 -17.83 -3.53
N ILE B 153 16.09 -16.64 -3.97
CA ILE B 153 16.84 -15.84 -4.94
C ILE B 153 17.07 -14.45 -4.34
N TYR B 154 17.98 -13.70 -4.94
CA TYR B 154 18.16 -12.28 -4.68
C TYR B 154 17.94 -11.56 -6.02
N GLU B 155 17.54 -10.29 -5.93
CA GLU B 155 17.05 -9.54 -7.09
C GLU B 155 18.09 -8.65 -7.76
N TYR B 156 19.23 -8.49 -7.11
CA TYR B 156 20.21 -7.48 -7.51
C TYR B 156 20.85 -7.71 -8.87
N GLY B 157 21.33 -6.62 -9.44
CA GLY B 157 22.30 -6.67 -10.53
C GLY B 157 23.66 -7.06 -9.97
N PRO B 158 24.66 -7.14 -10.82
CA PRO B 158 25.99 -7.53 -10.38
C PRO B 158 26.71 -6.39 -9.66
N ASN B 159 27.62 -6.73 -8.75
CA ASN B 159 28.43 -5.73 -8.03
C ASN B 159 27.60 -4.74 -7.24
N GLU B 160 26.45 -5.18 -6.73
CA GLU B 160 25.62 -4.30 -5.93
C GLU B 160 25.65 -4.70 -4.46
N TYR B 161 25.14 -5.89 -4.18
CA TYR B 161 25.14 -6.40 -2.83
C TYR B 161 26.40 -7.25 -2.68
N VAL B 162 27.45 -6.63 -2.15
CA VAL B 162 28.77 -7.20 -2.21
C VAL B 162 29.18 -7.76 -0.84
N SER B 163 29.58 -9.04 -0.84
CA SER B 163 29.97 -9.73 0.40
C SER B 163 31.30 -9.18 0.89
N LYS B 164 31.49 -9.14 2.21
CA LYS B 164 32.78 -8.82 2.82
C LYS B 164 33.90 -9.72 2.32
N THR B 165 33.60 -10.97 1.97
CA THR B 165 34.64 -11.86 1.46
C THR B 165 34.67 -11.97 -0.07
N GLY B 166 33.91 -11.12 -0.77
CA GLY B 166 33.99 -11.00 -2.22
C GLY B 166 32.84 -11.68 -2.94
N ASN B 167 32.40 -11.09 -4.04
CA ASN B 167 31.40 -11.72 -4.89
C ASN B 167 32.04 -12.68 -5.90
N VAL B 168 32.09 -13.95 -5.52
CA VAL B 168 32.84 -14.93 -6.28
C VAL B 168 32.11 -15.43 -7.54
N ARG B 169 30.78 -15.31 -7.55
CA ARG B 169 30.00 -15.48 -8.78
C ARG B 169 29.22 -14.19 -9.06
N THR B 170 28.53 -14.14 -10.19
CA THR B 170 27.95 -12.88 -10.71
C THR B 170 26.51 -13.08 -11.18
N HIS B 171 25.61 -12.22 -10.74
CA HIS B 171 24.24 -12.29 -11.21
C HIS B 171 24.20 -12.15 -12.73
N ASN B 172 23.21 -12.79 -13.33
CA ASN B 172 23.09 -12.91 -14.77
C ASN B 172 22.58 -11.66 -15.48
N SER B 173 22.05 -10.70 -14.74
CA SER B 173 21.37 -9.55 -15.32
C SER B 173 21.39 -8.36 -14.38
N ALA B 174 20.97 -7.19 -14.85
CA ALA B 174 20.69 -6.05 -13.99
C ALA B 174 19.55 -6.43 -13.05
N GLU B 175 19.25 -5.55 -12.10
CA GLU B 175 18.15 -5.80 -11.14
C GLU B 175 16.89 -6.28 -11.86
N ILE B 176 16.31 -7.34 -11.34
CA ILE B 176 15.21 -7.99 -12.02
C ILE B 176 13.85 -7.31 -11.75
N ILE B 177 13.08 -7.11 -12.81
CA ILE B 177 11.80 -6.36 -12.76
C ILE B 177 10.63 -7.10 -13.40
N THR B 178 10.85 -7.64 -14.58
CA THR B 178 9.80 -8.27 -15.37
C THR B 178 9.71 -9.75 -15.07
N LEU B 179 8.62 -10.36 -15.54
CA LEU B 179 8.44 -11.79 -15.40
C LEU B 179 9.64 -12.57 -15.96
N GLN B 180 10.10 -12.18 -17.15
CA GLN B 180 11.21 -12.88 -17.79
C GLN B 180 12.50 -12.72 -16.97
N ASP B 181 12.75 -11.52 -16.44
CA ASP B 181 13.87 -11.26 -15.55
C ASP B 181 13.85 -12.23 -14.34
N TYR B 182 12.67 -12.37 -13.72
CA TYR B 182 12.53 -13.23 -12.53
C TYR B 182 12.74 -14.69 -12.91
N ARG B 183 12.15 -15.10 -14.03
CA ARG B 183 12.31 -16.47 -14.51
C ARG B 183 13.78 -16.84 -14.75
N ASN B 184 14.50 -15.93 -15.39
CA ASN B 184 15.92 -16.15 -15.68
C ASN B 184 16.77 -16.15 -14.41
N ARG B 185 16.39 -15.36 -13.41
CA ARG B 185 17.11 -15.37 -12.14
C ARG B 185 16.92 -16.69 -11.39
N HIS B 186 15.67 -17.14 -11.32
CA HIS B 186 15.33 -18.44 -10.81
C HIS B 186 16.13 -19.56 -11.52
N ALA B 187 16.24 -19.47 -12.84
CA ALA B 187 17.01 -20.44 -13.60
C ALA B 187 18.50 -20.38 -13.27
N GLN B 188 19.04 -19.18 -13.05
CA GLN B 188 20.45 -19.05 -12.68
C GLN B 188 20.71 -19.82 -11.38
N TYR B 189 19.89 -19.58 -10.37
CA TYR B 189 20.10 -20.18 -9.05
C TYR B 189 19.91 -21.69 -9.13
N ARG B 190 18.84 -22.10 -9.80
CA ARG B 190 18.39 -23.48 -9.82
C ARG B 190 19.29 -24.37 -10.73
N SER B 191 20.11 -23.74 -11.55
CA SER B 191 21.07 -24.43 -12.44
C SER B 191 22.23 -25.02 -11.64
N ASP B 192 22.45 -24.57 -10.42
CA ASP B 192 23.53 -25.05 -9.59
C ASP B 192 23.33 -26.55 -9.27
N ALA B 193 24.34 -27.37 -9.57
CA ALA B 193 24.24 -28.83 -9.41
C ALA B 193 23.95 -29.27 -7.98
N ASN B 194 24.49 -28.55 -7.01
CA ASN B 194 24.33 -28.89 -5.59
C ASN B 194 22.89 -28.65 -5.14
N LEU B 195 22.32 -27.51 -5.51
CA LEU B 195 20.92 -27.20 -5.20
C LEU B 195 19.99 -28.20 -5.85
N LYS B 196 20.24 -28.51 -7.13
CA LYS B 196 19.44 -29.52 -7.83
C LYS B 196 19.48 -30.90 -7.13
N ALA B 197 20.64 -31.27 -6.60
CA ALA B 197 20.80 -32.56 -5.90
C ALA B 197 19.96 -32.56 -4.63
N ALA B 198 20.04 -31.48 -3.86
CA ALA B 198 19.23 -31.34 -2.66
C ALA B 198 17.74 -31.36 -2.97
N HIS B 199 17.35 -30.76 -4.09
CA HIS B 199 15.95 -30.87 -4.51
C HIS B 199 15.53 -32.30 -4.90
N ALA B 200 16.41 -33.03 -5.59
CA ALA B 200 16.07 -34.38 -6.03
C ALA B 200 16.06 -35.38 -4.85
N ALA B 201 16.77 -35.06 -3.78
CA ALA B 201 16.92 -35.94 -2.62
C ALA B 201 15.72 -36.00 -1.66
N PHE B 202 15.00 -34.88 -1.51
CA PHE B 202 13.96 -34.74 -0.47
C PHE B 202 12.76 -33.92 -0.97
N PRO B 203 11.55 -34.16 -0.43
CA PRO B 203 10.46 -33.18 -0.59
C PRO B 203 10.74 -31.91 0.18
N TRP B 204 10.40 -30.77 -0.41
CA TRP B 204 10.63 -29.46 0.18
C TRP B 204 9.28 -28.77 0.50
N VAL B 205 9.28 -28.00 1.58
CA VAL B 205 8.16 -27.13 1.95
C VAL B 205 8.77 -25.72 1.97
N VAL B 206 8.44 -24.93 0.95
CA VAL B 206 9.08 -23.63 0.80
C VAL B 206 8.14 -22.49 1.23
N THR B 207 8.72 -21.44 1.77
CA THR B 207 8.03 -20.16 1.94
C THR B 207 9.09 -19.09 1.68
N TRP B 208 8.67 -17.89 1.26
CA TRP B 208 9.57 -16.85 0.79
C TRP B 208 9.79 -15.85 1.89
N ASP B 209 10.78 -15.00 1.71
CA ASP B 209 10.94 -13.78 2.48
C ASP B 209 10.96 -12.61 1.48
N ASP B 210 11.85 -11.63 1.66
CA ASP B 210 11.79 -10.40 0.82
C ASP B 210 12.44 -10.54 -0.54
N HIS B 211 13.61 -11.20 -0.59
CA HIS B 211 14.44 -11.14 -1.80
C HIS B 211 13.92 -11.96 -2.99
N GLU B 212 12.88 -12.75 -2.77
CA GLU B 212 12.13 -13.31 -3.87
C GLU B 212 11.44 -12.22 -4.71
N VAL B 213 11.25 -11.03 -4.13
CA VAL B 213 10.73 -9.85 -4.86
C VAL B 213 11.74 -8.72 -4.82
N GLU B 214 11.91 -8.11 -3.67
CA GLU B 214 12.87 -7.02 -3.50
C GLU B 214 13.13 -6.78 -2.04
N ASN B 215 14.34 -6.36 -1.71
CA ASN B 215 14.72 -6.14 -0.33
C ASN B 215 13.67 -5.34 0.48
N ASN B 216 13.32 -5.89 1.64
CA ASN B 216 12.53 -5.24 2.70
C ASN B 216 11.18 -4.71 2.25
N TYR B 217 10.57 -5.36 1.28
CA TYR B 217 9.21 -5.04 0.92
C TYR B 217 8.25 -5.36 2.05
N ALA B 218 7.13 -4.63 2.05
CA ALA B 218 6.10 -4.83 3.04
C ALA B 218 4.74 -4.77 2.39
N ASN B 219 4.14 -5.94 2.15
CA ASN B 219 2.91 -6.06 1.38
C ASN B 219 3.09 -5.45 -0.01
N LYS B 220 2.60 -4.21 -0.23
CA LYS B 220 2.73 -3.58 -1.55
C LYS B 220 3.59 -2.33 -1.53
N ILE B 221 4.31 -2.14 -0.44
CA ILE B 221 5.17 -1.01 -0.25
C ILE B 221 6.64 -1.46 -0.42
N PRO B 222 7.30 -1.00 -1.47
CA PRO B 222 8.75 -1.25 -1.60
C PRO B 222 9.59 -0.38 -0.70
N GLU B 223 10.83 -0.79 -0.50
CA GLU B 223 11.81 -0.02 0.24
C GLU B 223 12.20 1.30 -0.46
N LYS B 224 12.76 2.21 0.32
CA LYS B 224 13.41 3.43 -0.13
C LYS B 224 12.46 4.33 -0.94
N GLY B 225 11.20 4.39 -0.52
CA GLY B 225 10.22 5.30 -1.11
C GLY B 225 9.97 5.10 -2.60
N GLN B 226 10.13 3.88 -3.06
CA GLN B 226 9.92 3.59 -4.46
C GLN B 226 8.44 3.47 -4.75
N SER B 227 8.09 3.37 -6.02
CA SER B 227 6.71 3.45 -6.43
C SER B 227 5.88 2.21 -6.09
N VAL B 228 4.76 2.41 -5.40
CA VAL B 228 3.84 1.31 -5.11
C VAL B 228 3.20 0.77 -6.38
N GLU B 229 2.80 1.65 -7.30
CA GLU B 229 2.21 1.16 -8.54
C GLU B 229 3.15 0.22 -9.34
N ALA B 230 4.41 0.61 -9.47
CA ALA B 230 5.39 -0.22 -10.19
C ALA B 230 5.60 -1.53 -9.39
N PHE B 231 5.68 -1.39 -8.06
CA PHE B 231 5.95 -2.55 -7.19
C PHE B 231 4.88 -3.63 -7.29
N VAL B 232 3.63 -3.22 -7.42
CA VAL B 232 2.54 -4.18 -7.56
C VAL B 232 2.68 -5.07 -8.78
N LEU B 233 3.11 -4.48 -9.90
CA LEU B 233 3.39 -5.22 -11.11
C LEU B 233 4.60 -6.14 -10.87
N ARG B 234 5.61 -5.62 -10.18
CA ARG B 234 6.79 -6.41 -9.88
C ARG B 234 6.44 -7.62 -9.00
N ARG B 235 5.60 -7.42 -7.99
CA ARG B 235 5.19 -8.52 -7.13
C ARG B 235 4.43 -9.61 -7.88
N ALA B 236 3.59 -9.22 -8.83
CA ALA B 236 2.90 -10.19 -9.66
C ALA B 236 3.88 -11.03 -10.50
N ALA B 237 4.87 -10.38 -11.12
CA ALA B 237 5.91 -11.07 -11.90
C ALA B 237 6.72 -12.04 -10.98
N ALA B 238 7.18 -11.55 -9.84
CA ALA B 238 7.99 -12.33 -8.89
C ALA B 238 7.26 -13.54 -8.35
N TYR B 239 6.00 -13.34 -7.97
CA TYR B 239 5.17 -14.41 -7.43
C TYR B 239 4.88 -15.46 -8.48
N GLN B 240 4.63 -15.04 -9.73
CA GLN B 240 4.41 -16.03 -10.80
C GLN B 240 5.69 -16.88 -11.03
N ALA B 241 6.83 -16.20 -11.12
CA ALA B 241 8.13 -16.90 -11.34
C ALA B 241 8.42 -17.87 -10.21
N TYR B 242 8.09 -17.47 -8.99
CA TYR B 242 8.25 -18.34 -7.82
C TYR B 242 7.40 -19.61 -7.96
N TYR B 243 6.12 -19.43 -8.25
CA TYR B 243 5.24 -20.56 -8.49
C TYR B 243 5.80 -21.51 -9.56
N GLU B 244 6.22 -20.93 -10.68
CA GLU B 244 6.73 -21.67 -11.81
C GLU B 244 7.93 -22.52 -11.43
N HIS B 245 8.73 -22.09 -10.46
CA HIS B 245 9.92 -22.82 -10.07
C HIS B 245 9.82 -23.61 -8.76
N MET B 246 8.66 -23.65 -8.13
CA MET B 246 8.56 -24.30 -6.82
C MET B 246 7.53 -25.41 -6.81
N PRO B 247 7.79 -26.48 -6.04
CA PRO B 247 6.86 -27.63 -6.02
C PRO B 247 5.68 -27.36 -5.07
N LEU B 248 4.78 -26.49 -5.52
CA LEU B 248 3.59 -26.06 -4.79
C LEU B 248 2.35 -26.66 -5.41
N ARG B 249 1.29 -26.76 -4.60
CA ARG B 249 0.00 -27.26 -5.06
C ARG B 249 -0.80 -26.16 -5.77
N ILE B 250 -1.83 -26.57 -6.48
CA ILE B 250 -2.60 -25.66 -7.35
C ILE B 250 -3.28 -24.50 -6.61
N SER B 251 -3.56 -24.68 -5.32
CA SER B 251 -4.16 -23.62 -4.52
C SER B 251 -3.16 -22.50 -4.26
N SER B 252 -1.88 -22.74 -4.52
CA SER B 252 -0.87 -21.70 -4.49
C SER B 252 -0.66 -21.00 -5.86
N LEU B 253 -1.45 -21.32 -6.89
CA LEU B 253 -1.37 -20.56 -8.17
C LEU B 253 -1.66 -19.07 -7.93
N PRO B 254 -0.79 -18.16 -8.38
CA PRO B 254 -1.06 -16.75 -8.08
C PRO B 254 -2.17 -16.20 -8.95
N ASN B 255 -2.79 -15.11 -8.48
CA ASN B 255 -3.73 -14.33 -9.26
C ASN B 255 -3.25 -12.90 -9.13
N GLY B 256 -2.61 -12.39 -10.19
CA GLY B 256 -1.95 -11.09 -10.15
C GLY B 256 -0.96 -11.04 -9.01
N PRO B 257 -1.04 -10.00 -8.19
CA PRO B 257 -0.08 -9.81 -7.11
C PRO B 257 -0.36 -10.64 -5.83
N ASP B 258 -1.36 -11.51 -5.88
CA ASP B 258 -1.79 -12.27 -4.70
C ASP B 258 -1.57 -13.76 -4.86
N MET B 259 -1.15 -14.42 -3.78
CA MET B 259 -0.77 -15.83 -3.85
C MET B 259 -0.81 -16.49 -2.46
N GLN B 260 -1.55 -17.59 -2.37
CA GLN B 260 -1.73 -18.29 -1.10
C GLN B 260 -0.51 -19.17 -0.86
N LEU B 261 0.34 -18.75 0.06
CA LEU B 261 1.52 -19.51 0.42
C LEU B 261 1.46 -20.04 1.84
N TYR B 262 0.91 -19.27 2.79
CA TYR B 262 0.81 -19.81 4.16
C TYR B 262 -0.06 -21.06 4.18
N ARG B 263 0.39 -22.06 4.95
CA ARG B 263 -0.30 -23.31 4.93
C ARG B 263 0.13 -24.18 6.13
N HIS B 264 -0.63 -25.23 6.36
CA HIS B 264 -0.44 -26.02 7.56
C HIS B 264 -0.48 -27.50 7.25
N PHE B 265 0.32 -28.27 7.98
CA PHE B 265 0.22 -29.72 7.92
C PHE B 265 0.74 -30.33 9.23
N THR B 266 0.36 -31.57 9.50
CA THR B 266 0.84 -32.26 10.71
C THR B 266 1.66 -33.47 10.29
N TYR B 267 2.70 -33.76 11.05
CA TYR B 267 3.53 -34.93 10.81
C TYR B 267 3.07 -35.98 11.83
N GLY B 268 2.11 -36.80 11.44
CA GLY B 268 1.45 -37.69 12.37
C GLY B 268 0.93 -36.88 13.55
N ASN B 269 1.12 -37.39 14.77
CA ASN B 269 0.76 -36.66 15.98
C ASN B 269 1.98 -36.07 16.64
N LEU B 270 3.10 -36.12 15.93
CA LEU B 270 4.35 -35.65 16.49
C LEU B 270 4.51 -34.12 16.42
N ALA B 271 4.21 -33.53 15.26
CA ALA B 271 4.42 -32.10 15.06
C ALA B 271 3.39 -31.48 14.11
N SER B 272 2.88 -30.30 14.50
CA SER B 272 1.97 -29.50 13.71
C SER B 272 2.76 -28.31 13.18
N PHE B 273 2.84 -28.18 11.86
CA PHE B 273 3.68 -27.16 11.22
C PHE B 273 2.83 -26.05 10.63
N ASN B 274 3.06 -24.83 11.09
CA ASN B 274 2.41 -23.66 10.53
C ASN B 274 3.44 -22.89 9.73
N VAL B 275 3.34 -22.99 8.42
CA VAL B 275 4.25 -22.31 7.52
C VAL B 275 3.68 -20.91 7.23
N LEU B 276 4.34 -19.88 7.74
CA LEU B 276 3.83 -18.52 7.72
C LEU B 276 4.32 -17.73 6.51
N ASP B 277 3.67 -16.60 6.29
CA ASP B 277 4.05 -15.62 5.24
C ASP B 277 3.97 -14.28 5.94
N THR B 278 5.13 -13.77 6.32
CA THR B 278 5.23 -12.53 7.05
C THR B 278 5.61 -11.35 6.13
N ARG B 279 5.59 -11.55 4.81
CA ARG B 279 5.83 -10.45 3.85
C ARG B 279 4.61 -9.93 3.14
N GLN B 280 3.76 -10.81 2.66
CA GLN B 280 2.70 -10.49 1.71
C GLN B 280 1.58 -9.59 2.27
N TYR B 281 1.42 -9.60 3.59
CA TYR B 281 0.34 -8.90 4.26
C TYR B 281 0.82 -7.95 5.33
N ARG B 282 2.13 -7.82 5.52
CA ARG B 282 2.59 -7.05 6.65
C ARG B 282 2.45 -5.54 6.41
N ASP B 283 2.28 -4.81 7.51
CA ASP B 283 2.36 -3.34 7.49
C ASP B 283 3.80 -2.93 7.36
N ASP B 284 3.98 -1.67 6.95
CA ASP B 284 5.28 -1.09 6.64
C ASP B 284 6.16 -1.09 7.87
N GLN B 285 7.47 -1.22 7.68
CA GLN B 285 8.39 -1.10 8.81
C GLN B 285 8.36 0.32 9.41
N ALA B 286 8.37 0.40 10.74
CA ALA B 286 8.35 1.67 11.46
C ALA B 286 9.69 2.33 11.45
N ASN B 287 9.69 3.63 11.74
CA ASN B 287 10.91 4.43 11.97
C ASN B 287 11.89 4.38 10.80
N ASN B 288 11.35 4.32 9.58
CA ASN B 288 12.15 4.26 8.36
C ASN B 288 13.01 2.99 8.24
N ASP B 289 12.60 1.92 8.91
CA ASP B 289 13.30 0.63 8.81
C ASP B 289 14.67 0.70 9.48
N GLY B 290 15.48 -0.35 9.27
CA GLY B 290 16.81 -0.41 9.88
C GLY B 290 16.71 -0.79 11.35
N ASN B 291 17.75 -0.43 12.10
CA ASN B 291 17.81 -0.70 13.54
C ASN B 291 17.66 0.60 14.29
N LYS B 292 16.55 0.72 15.02
CA LYS B 292 16.12 2.00 15.57
C LYS B 292 15.55 1.79 16.98
N PRO B 293 15.47 2.87 17.76
CA PRO B 293 14.78 2.81 19.04
C PRO B 293 13.32 2.49 18.83
N PRO B 294 12.68 1.83 19.77
CA PRO B 294 11.25 1.66 19.68
C PRO B 294 10.61 3.04 19.74
N SER B 295 9.38 3.14 19.26
CA SER B 295 8.67 4.42 19.19
C SER B 295 7.19 4.15 19.26
N ASP B 296 6.41 5.23 19.36
CA ASP B 296 4.95 5.09 19.31
C ASP B 296 4.54 4.46 17.97
N GLU B 297 5.25 4.83 16.92
CA GLU B 297 5.02 4.20 15.61
C GLU B 297 5.24 2.65 15.66
N SER B 298 6.40 2.21 16.11
CA SER B 298 6.65 0.74 16.15
C SER B 298 5.70 0.05 17.12
N ARG B 299 5.39 0.72 18.23
CA ARG B 299 4.52 0.14 19.25
C ARG B 299 3.02 0.23 18.96
N ASN B 300 2.63 0.88 17.86
CA ASN B 300 1.20 0.97 17.47
C ASN B 300 0.55 -0.41 17.45
N PRO B 301 -0.51 -0.60 18.23
CA PRO B 301 -1.10 -1.93 18.37
C PRO B 301 -1.86 -2.44 17.18
N ASN B 302 -2.27 -1.56 16.27
CA ASN B 302 -2.98 -2.00 15.10
C ASN B 302 -2.07 -2.63 14.05
N ARG B 303 -0.78 -2.43 14.17
CA ARG B 303 0.16 -2.91 13.14
C ARG B 303 0.25 -4.45 13.13
N THR B 304 0.31 -5.02 11.92
CA THR B 304 0.28 -6.46 11.72
C THR B 304 1.49 -6.94 10.91
N LEU B 305 1.89 -8.18 11.17
CA LEU B 305 2.85 -8.88 10.30
C LEU B 305 2.10 -9.86 9.46
N LEU B 306 1.14 -10.54 10.07
CA LEU B 306 0.46 -11.66 9.42
C LEU B 306 -0.77 -11.28 8.64
N GLY B 307 -1.37 -10.15 9.02
CA GLY B 307 -2.70 -9.83 8.54
C GLY B 307 -3.72 -10.60 9.37
N LYS B 308 -4.96 -10.11 9.37
CA LYS B 308 -5.98 -10.59 10.29
C LYS B 308 -6.35 -12.04 10.03
N GLU B 309 -6.51 -12.40 8.77
CA GLU B 309 -6.96 -13.73 8.41
C GLU B 309 -5.92 -14.79 8.83
N GLN B 310 -4.66 -14.52 8.53
CA GLN B 310 -3.59 -15.46 8.81
C GLN B 310 -3.42 -15.59 10.32
N GLU B 311 -3.55 -14.47 11.03
CA GLU B 311 -3.47 -14.48 12.49
C GLU B 311 -4.54 -15.42 13.08
N GLN B 312 -5.76 -15.31 12.59
CA GLN B 312 -6.87 -16.10 13.10
C GLN B 312 -6.70 -17.59 12.71
N TRP B 313 -6.23 -17.83 11.50
CA TRP B 313 -5.92 -19.16 11.04
C TRP B 313 -4.84 -19.80 11.94
N LEU B 314 -3.81 -19.03 12.28
CA LEU B 314 -2.74 -19.53 13.10
C LEU B 314 -3.28 -19.90 14.50
N PHE B 315 -4.03 -18.97 15.11
CA PHE B 315 -4.65 -19.24 16.40
C PHE B 315 -5.56 -20.47 16.39
N ASN B 316 -6.36 -20.66 15.33
CA ASN B 316 -7.16 -21.86 15.19
C ASN B 316 -6.31 -23.14 15.18
N ASN B 317 -5.19 -23.10 14.46
CA ASN B 317 -4.28 -24.24 14.39
C ASN B 317 -3.58 -24.48 15.73
N LEU B 318 -3.16 -23.43 16.39
CA LEU B 318 -2.43 -23.58 17.63
C LEU B 318 -3.37 -24.07 18.74
N GLY B 319 -4.63 -23.63 18.66
CA GLY B 319 -5.61 -23.91 19.69
C GLY B 319 -6.17 -25.31 19.62
N SER B 320 -6.27 -25.85 18.42
CA SER B 320 -6.88 -27.14 18.19
C SER B 320 -5.84 -28.29 18.03
N SER B 321 -4.55 -27.97 18.04
CA SER B 321 -3.51 -28.98 17.83
C SER B 321 -3.39 -29.92 19.04
N THR B 322 -3.36 -31.22 18.79
CA THR B 322 -3.01 -32.18 19.86
C THR B 322 -1.63 -32.80 19.62
N ALA B 323 -0.85 -32.23 18.71
CA ALA B 323 0.46 -32.76 18.39
C ALA B 323 1.38 -32.54 19.56
N HIS B 324 2.45 -33.34 19.63
CA HIS B 324 3.49 -33.14 20.66
C HIS B 324 4.22 -31.80 20.54
N TRP B 325 4.29 -31.27 19.33
CA TRP B 325 4.98 -29.99 19.08
C TRP B 325 4.13 -29.10 18.16
N ASN B 326 4.28 -27.80 18.34
CA ASN B 326 3.61 -26.82 17.48
C ASN B 326 4.71 -25.95 16.92
N VAL B 327 4.81 -25.89 15.59
CA VAL B 327 5.97 -25.26 14.95
C VAL B 327 5.50 -24.07 14.08
N LEU B 328 6.21 -22.96 14.22
CA LEU B 328 6.09 -21.82 13.32
C LEU B 328 7.29 -21.79 12.40
N ALA B 329 7.09 -22.20 11.16
CA ALA B 329 8.17 -22.15 10.17
C ALA B 329 8.01 -20.84 9.44
N GLN B 330 8.92 -19.89 9.70
CA GLN B 330 8.74 -18.51 9.24
C GLN B 330 10.07 -17.80 9.02
N GLN B 331 10.03 -16.48 8.78
CA GLN B 331 11.12 -15.80 8.06
C GLN B 331 12.10 -15.07 8.92
N ILE B 332 11.62 -14.43 9.98
CA ILE B 332 12.37 -13.36 10.64
C ILE B 332 12.51 -13.53 12.15
N PHE B 333 13.52 -12.86 12.70
CA PHE B 333 13.90 -13.02 14.10
C PHE B 333 12.71 -12.74 15.04
N PHE B 334 12.33 -13.76 15.84
CA PHE B 334 11.15 -13.72 16.67
C PHE B 334 11.41 -13.22 18.10
N ALA B 335 12.51 -13.67 18.69
CA ALA B 335 12.80 -13.37 20.08
C ALA B 335 13.24 -11.93 20.21
N LYS B 336 13.25 -11.45 21.45
CA LYS B 336 13.79 -10.13 21.77
C LYS B 336 15.24 -10.07 21.36
N TRP B 337 15.64 -8.97 20.73
CA TRP B 337 16.95 -8.88 20.10
C TRP B 337 17.44 -7.45 20.19
N ASN B 338 17.81 -7.06 21.41
CA ASN B 338 18.20 -5.70 21.70
C ASN B 338 19.66 -5.41 21.40
N PHE B 339 19.91 -4.49 20.48
CA PHE B 339 21.26 -4.11 20.09
C PHE B 339 21.78 -2.95 20.89
N GLY B 340 20.95 -2.35 21.73
CA GLY B 340 21.38 -1.21 22.53
C GLY B 340 21.52 -1.63 23.98
N THR B 341 20.96 -0.83 24.87
CA THR B 341 21.02 -1.07 26.31
C THR B 341 19.61 -1.13 26.84
N SER B 342 19.45 -1.45 28.12
CA SER B 342 18.11 -1.47 28.73
C SER B 342 17.47 -0.08 28.72
N ALA B 343 18.29 0.96 28.96
CA ALA B 343 17.83 2.34 28.99
C ALA B 343 17.57 2.90 27.60
N SER B 344 18.49 2.59 26.67
CA SER B 344 18.40 3.03 25.27
C SER B 344 18.40 1.83 24.33
N PRO B 345 17.28 1.14 24.25
CA PRO B 345 17.18 -0.05 23.38
C PRO B 345 17.18 0.32 21.89
N ILE B 346 17.67 -0.63 21.07
CA ILE B 346 17.70 -0.51 19.61
C ILE B 346 17.27 -1.84 19.04
N TYR B 347 16.29 -1.80 18.13
CA TYR B 347 15.66 -3.01 17.59
C TYR B 347 15.65 -3.02 16.08
N SER B 348 15.59 -4.22 15.51
CA SER B 348 15.41 -4.40 14.06
C SER B 348 13.96 -4.13 13.72
N MET B 349 13.72 -3.10 12.91
CA MET B 349 12.36 -2.73 12.52
C MET B 349 11.72 -3.71 11.53
N ASP B 350 12.56 -4.54 10.90
CA ASP B 350 12.07 -5.54 9.93
C ASP B 350 11.76 -6.92 10.57
N SER B 351 12.20 -7.09 11.81
CA SER B 351 11.98 -8.33 12.58
C SER B 351 10.75 -8.20 13.50
N TRP B 352 10.44 -9.26 14.25
CA TRP B 352 9.26 -9.25 15.13
C TRP B 352 9.35 -8.16 16.22
N ASP B 353 10.56 -7.78 16.63
CA ASP B 353 10.73 -6.62 17.52
C ASP B 353 10.18 -5.29 16.92
N GLY B 354 10.03 -5.25 15.59
CA GLY B 354 9.49 -4.07 14.89
C GLY B 354 7.99 -4.10 14.88
N TYR B 355 7.43 -5.25 15.27
CA TYR B 355 6.00 -5.50 15.31
C TYR B 355 5.58 -6.08 16.69
N PRO B 356 5.91 -5.36 17.75
CA PRO B 356 5.75 -5.89 19.11
C PRO B 356 4.33 -6.22 19.53
N ALA B 357 3.34 -5.48 19.03
CA ALA B 357 1.96 -5.80 19.37
C ALA B 357 1.53 -7.09 18.70
N GLN B 358 1.92 -7.26 17.44
CA GLN B 358 1.61 -8.48 16.73
C GLN B 358 2.21 -9.67 17.53
N ARG B 359 3.44 -9.52 17.99
CA ARG B 359 4.08 -10.62 18.73
C ARG B 359 3.34 -10.90 20.06
N GLU B 360 2.93 -9.82 20.75
CA GLU B 360 2.13 -9.94 21.97
C GLU B 360 0.85 -10.72 21.76
N ARG B 361 0.16 -10.50 20.65
CA ARG B 361 -1.07 -11.25 20.38
C ARG B 361 -0.78 -12.76 20.24
N VAL B 362 0.33 -13.09 19.58
CA VAL B 362 0.68 -14.49 19.39
C VAL B 362 1.03 -15.12 20.75
N ILE B 363 1.89 -14.45 21.51
CA ILE B 363 2.33 -14.93 22.80
C ILE B 363 1.18 -15.01 23.81
N ASN B 364 0.31 -14.00 23.83
CA ASN B 364 -0.88 -14.05 24.67
C ASN B 364 -1.78 -15.21 24.35
N PHE B 365 -1.92 -15.54 23.07
CA PHE B 365 -2.79 -16.64 22.71
C PHE B 365 -2.15 -17.96 23.20
N ILE B 366 -0.84 -18.06 23.05
CA ILE B 366 -0.08 -19.26 23.43
C ILE B 366 -0.20 -19.49 24.96
N LYS B 367 0.06 -18.42 25.72
CA LYS B 367 -0.22 -18.37 27.15
C LYS B 367 -1.63 -18.83 27.50
N SER B 368 -2.62 -18.30 26.79
CA SER B 368 -4.00 -18.66 27.08
C SER B 368 -4.28 -20.15 26.94
N LYS B 369 -3.52 -20.84 26.08
CA LYS B 369 -3.72 -22.27 25.90
C LYS B 369 -2.73 -23.10 26.71
N ASN B 370 -1.88 -22.41 27.48
CA ASN B 370 -0.92 -23.05 28.34
C ASN B 370 0.15 -23.91 27.61
N LEU B 371 0.50 -23.53 26.38
CA LEU B 371 1.42 -24.34 25.57
C LEU B 371 2.85 -24.17 26.04
N ASN B 372 3.63 -25.25 26.02
CA ASN B 372 5.07 -25.12 26.20
C ASN B 372 5.88 -25.88 25.16
N ASN B 373 5.20 -26.23 24.07
CA ASN B 373 5.76 -27.03 23.00
C ASN B 373 5.91 -26.29 21.66
N VAL B 374 6.24 -25.00 21.72
CA VAL B 374 6.26 -24.13 20.54
C VAL B 374 7.68 -23.93 20.08
N VAL B 375 7.95 -24.30 18.83
CA VAL B 375 9.27 -24.06 18.29
C VAL B 375 9.14 -23.14 17.08
N VAL B 376 9.99 -22.12 17.02
CA VAL B 376 10.01 -21.16 15.91
C VAL B 376 11.29 -21.39 15.10
N LEU B 377 11.15 -21.62 13.80
CA LEU B 377 12.26 -21.70 12.84
C LEU B 377 12.31 -20.41 12.03
N THR B 378 13.51 -19.87 11.84
CA THR B 378 13.76 -18.52 11.33
C THR B 378 14.99 -18.50 10.41
N GLY B 379 15.01 -17.58 9.44
CA GLY B 379 16.20 -17.29 8.64
C GLY B 379 16.54 -15.80 8.72
N ASP B 380 16.82 -15.21 7.56
CA ASP B 380 16.92 -13.76 7.31
C ASP B 380 18.18 -13.10 7.80
N VAL B 381 18.69 -13.51 8.96
CA VAL B 381 19.73 -12.71 9.63
C VAL B 381 21.16 -13.15 9.31
N HIS B 382 21.30 -14.19 8.49
CA HIS B 382 22.62 -14.61 7.94
C HIS B 382 23.63 -15.02 9.04
N ALA B 383 23.10 -15.56 10.12
CA ALA B 383 23.91 -16.09 11.21
C ALA B 383 23.02 -16.97 12.06
N SER B 384 23.62 -17.88 12.79
CA SER B 384 22.88 -18.83 13.60
C SER B 384 22.68 -18.25 14.99
N TRP B 385 21.47 -18.41 15.51
CA TRP B 385 21.16 -18.05 16.88
C TRP B 385 20.24 -19.10 17.46
N ALA B 386 20.14 -19.14 18.78
CA ALA B 386 19.13 -19.95 19.45
C ALA B 386 18.71 -19.24 20.73
N SER B 387 17.41 -19.27 20.99
CA SER B 387 16.83 -18.58 22.14
C SER B 387 15.80 -19.42 22.87
N ASN B 388 15.80 -19.27 24.20
CA ASN B 388 14.62 -19.64 24.99
C ASN B 388 13.52 -18.58 24.79
N LEU B 389 12.29 -19.02 24.56
CA LEU B 389 11.14 -18.16 24.45
C LEU B 389 10.37 -18.13 25.77
N HIS B 390 10.38 -16.97 26.42
CA HIS B 390 9.68 -16.75 27.70
C HIS B 390 8.33 -16.05 27.52
N VAL B 391 7.31 -16.44 28.30
CA VAL B 391 5.96 -15.85 28.17
C VAL B 391 5.98 -14.34 28.39
N ASP B 392 7.00 -13.85 29.10
CA ASP B 392 7.26 -12.43 29.21
C ASP B 392 8.68 -12.17 28.79
N PHE B 393 8.84 -11.53 27.63
CA PHE B 393 10.14 -11.38 26.98
C PHE B 393 11.14 -10.56 27.78
N GLU B 394 10.66 -9.90 28.83
CA GLU B 394 11.51 -9.10 29.71
C GLU B 394 11.92 -9.82 31.02
N LYS B 395 11.34 -11.00 31.28
CA LYS B 395 11.61 -11.75 32.51
C LYS B 395 12.15 -13.15 32.21
N THR B 396 13.42 -13.38 32.51
CA THR B 396 13.96 -14.75 32.40
C THR B 396 13.39 -15.69 33.48
N SER B 397 12.79 -15.12 34.53
CA SER B 397 12.08 -15.92 35.51
C SER B 397 10.72 -16.39 35.02
N SER B 398 10.17 -15.80 33.95
CA SER B 398 8.85 -16.22 33.45
C SER B 398 8.92 -17.59 32.80
N LYS B 399 7.77 -18.24 32.69
CA LYS B 399 7.67 -19.57 32.12
C LYS B 399 8.21 -19.57 30.66
N ILE B 400 8.97 -20.61 30.31
CA ILE B 400 9.43 -20.85 28.94
C ILE B 400 8.31 -21.57 28.25
N PHE B 401 7.83 -21.01 27.12
CA PHE B 401 6.81 -21.69 26.31
C PHE B 401 7.39 -22.39 25.06
N GLY B 402 8.67 -22.17 24.80
CA GLY B 402 9.27 -22.80 23.63
C GLY B 402 10.68 -22.32 23.38
N ALA B 403 11.12 -22.51 22.14
CA ALA B 403 12.47 -22.11 21.76
C ALA B 403 12.46 -21.61 20.30
N GLU B 404 13.45 -20.80 19.97
CA GLU B 404 13.66 -20.37 18.60
C GLU B 404 15.02 -20.80 18.09
N PHE B 405 15.01 -21.41 16.90
CA PHE B 405 16.22 -21.75 16.18
C PHE B 405 16.31 -20.91 14.92
N VAL B 406 17.24 -19.98 14.95
CA VAL B 406 17.51 -19.10 13.83
C VAL B 406 18.68 -19.71 13.06
N GLY B 407 18.40 -20.09 11.82
CA GLY B 407 19.42 -20.64 10.95
C GLY B 407 20.22 -19.60 10.22
N THR B 408 21.53 -19.84 10.19
CA THR B 408 22.44 -19.11 9.32
C THR B 408 22.04 -19.21 7.84
N SER B 409 22.75 -18.47 7.00
CA SER B 409 22.53 -18.48 5.58
C SER B 409 23.35 -19.56 4.87
N ILE B 410 22.82 -20.05 3.75
CA ILE B 410 23.49 -20.99 2.86
C ILE B 410 24.77 -20.37 2.34
N THR B 411 24.68 -19.11 1.88
CA THR B 411 25.85 -18.33 1.43
C THR B 411 25.88 -16.83 1.77
N SER B 412 24.72 -16.20 1.97
CA SER B 412 24.67 -14.72 2.07
C SER B 412 25.57 -14.25 3.16
N GLY B 413 26.41 -13.29 2.82
CA GLY B 413 27.34 -12.69 3.75
C GLY B 413 28.76 -13.20 3.64
N GLY B 414 28.96 -14.32 2.94
CA GLY B 414 30.31 -14.81 2.67
C GLY B 414 30.81 -15.73 3.79
N ASN B 415 32.13 -15.77 4.00
CA ASN B 415 32.71 -16.86 4.82
C ASN B 415 32.41 -16.75 6.29
N GLY B 416 32.35 -15.53 6.79
CA GLY B 416 31.97 -15.30 8.17
C GLY B 416 33.04 -15.75 9.15
N ALA B 417 32.59 -16.11 10.35
CA ALA B 417 33.48 -16.37 11.48
C ALA B 417 32.73 -17.05 12.59
N ASP B 418 33.45 -17.47 13.62
CA ASP B 418 32.78 -18.11 14.74
C ASP B 418 32.01 -17.08 15.59
N LYS B 419 32.56 -15.87 15.66
CA LYS B 419 32.08 -14.82 16.54
C LYS B 419 32.30 -13.48 15.85
N ARG B 420 31.47 -12.49 16.20
CA ARG B 420 31.55 -11.10 15.66
C ARG B 420 31.93 -10.10 16.74
N ALA B 421 32.12 -8.84 16.35
CA ALA B 421 32.48 -7.75 17.30
C ALA B 421 31.39 -7.45 18.33
N ASP B 422 30.13 -7.71 18.00
CA ASP B 422 29.02 -7.34 18.90
C ASP B 422 28.42 -8.54 19.61
N THR B 423 29.00 -9.72 19.42
CA THR B 423 28.39 -10.94 19.98
C THR B 423 28.27 -10.90 21.51
N ASP B 424 29.35 -10.54 22.20
CA ASP B 424 29.32 -10.53 23.66
C ASP B 424 28.32 -9.51 24.21
N GLN B 425 28.31 -8.32 23.63
CA GLN B 425 27.32 -7.29 24.01
C GLN B 425 25.89 -7.78 23.86
N ILE B 426 25.56 -8.34 22.69
CA ILE B 426 24.19 -8.74 22.43
C ILE B 426 23.78 -9.87 23.38
N LEU B 427 24.69 -10.81 23.63
CA LEU B 427 24.38 -11.94 24.50
C LEU B 427 24.19 -11.45 25.96
N LYS B 428 25.03 -10.51 26.36
CA LYS B 428 24.91 -9.87 27.67
C LYS B 428 23.55 -9.23 27.84
N GLU B 429 23.12 -8.49 26.83
CA GLU B 429 21.89 -7.70 26.92
C GLU B 429 20.64 -8.56 26.71
N ASN B 430 20.84 -9.77 26.17
CA ASN B 430 19.73 -10.64 25.81
C ASN B 430 19.95 -12.08 26.35
N PRO B 431 19.82 -12.24 27.66
CA PRO B 431 20.20 -13.50 28.34
C PRO B 431 19.39 -14.70 27.95
N HIS B 432 18.23 -14.50 27.34
CA HIS B 432 17.44 -15.61 26.78
C HIS B 432 18.13 -16.27 25.57
N ILE B 433 19.10 -15.57 24.97
CA ILE B 433 19.80 -16.04 23.78
C ILE B 433 20.96 -16.95 24.22
N GLN B 434 20.93 -18.19 23.75
CA GLN B 434 21.86 -19.23 24.20
C GLN B 434 23.00 -19.50 23.24
N PHE B 435 22.95 -18.93 22.03
CA PHE B 435 23.91 -19.33 20.99
C PHE B 435 24.06 -18.28 19.90
N PHE B 436 25.30 -18.03 19.48
CA PHE B 436 25.60 -17.32 18.25
C PHE B 436 26.71 -18.02 17.49
N ASN B 437 26.57 -18.10 16.15
CA ASN B 437 27.64 -18.50 15.24
C ASN B 437 27.47 -17.82 13.88
N ASP B 438 28.57 -17.52 13.20
CA ASP B 438 28.49 -16.78 11.91
C ASP B 438 29.19 -17.49 10.72
N TYR B 439 29.10 -18.81 10.68
CA TYR B 439 29.50 -19.59 9.51
C TYR B 439 28.26 -19.98 8.72
N ARG B 440 28.45 -20.20 7.43
CA ARG B 440 27.39 -20.65 6.53
C ARG B 440 27.05 -22.14 6.70
N GLY B 441 25.83 -22.49 6.35
CA GLY B 441 25.36 -23.84 6.49
C GLY B 441 23.86 -23.87 6.56
N TYR B 442 23.36 -24.72 7.45
CA TYR B 442 21.94 -24.98 7.61
C TYR B 442 21.71 -25.65 8.96
N VAL B 443 20.45 -25.89 9.28
CA VAL B 443 20.07 -26.47 10.58
C VAL B 443 19.35 -27.78 10.36
N ARG B 444 19.74 -28.80 11.11
CA ARG B 444 19.12 -30.11 11.04
C ARG B 444 18.38 -30.38 12.35
N CYS B 445 17.11 -30.71 12.25
CA CYS B 445 16.30 -30.94 13.44
C CYS B 445 15.90 -32.39 13.54
N THR B 446 15.98 -32.93 14.76
CA THR B 446 15.50 -34.28 15.04
C THR B 446 14.51 -34.20 16.17
N VAL B 447 13.29 -34.67 15.92
CA VAL B 447 12.20 -34.44 16.80
C VAL B 447 11.63 -35.77 17.30
N THR B 448 11.46 -35.86 18.61
CA THR B 448 10.77 -36.98 19.24
C THR B 448 9.69 -36.42 20.18
N PRO B 449 8.78 -37.25 20.66
CA PRO B 449 7.65 -36.72 21.43
C PRO B 449 8.05 -35.85 22.63
N HIS B 450 9.18 -36.14 23.26
CA HIS B 450 9.56 -35.41 24.47
C HIS B 450 10.80 -34.58 24.31
N GLN B 451 11.36 -34.56 23.12
CA GLN B 451 12.60 -33.83 22.89
C GLN B 451 12.74 -33.27 21.46
N TRP B 452 13.24 -32.05 21.36
CA TRP B 452 13.57 -31.41 20.08
C TRP B 452 15.04 -31.10 20.08
N LYS B 453 15.76 -31.64 19.12
CA LYS B 453 17.19 -31.36 18.97
C LYS B 453 17.45 -30.59 17.67
N ALA B 454 18.26 -29.56 17.78
CA ALA B 454 18.69 -28.76 16.62
C ALA B 454 20.20 -28.87 16.55
N ASP B 455 20.69 -29.31 15.39
CA ASP B 455 22.12 -29.31 15.08
C ASP B 455 22.45 -28.23 14.06
N TYR B 456 23.43 -27.39 14.38
CA TYR B 456 23.88 -26.34 13.47
C TYR B 456 25.02 -26.85 12.61
N ARG B 457 24.72 -27.07 11.34
CA ARG B 457 25.65 -27.69 10.41
C ARG B 457 26.32 -26.63 9.55
N VAL B 458 27.59 -26.39 9.81
CA VAL B 458 28.30 -25.27 9.24
C VAL B 458 29.64 -25.61 8.59
N MET B 459 30.12 -24.69 7.77
CA MET B 459 31.38 -24.82 7.02
C MET B 459 32.25 -23.62 7.29
N PRO B 460 33.57 -23.77 7.17
CA PRO B 460 34.45 -22.61 7.37
C PRO B 460 34.40 -21.54 6.26
N PHE B 461 34.01 -21.92 5.04
CA PHE B 461 34.07 -20.99 3.91
C PHE B 461 33.16 -21.45 2.78
N VAL B 462 32.75 -20.48 1.95
CA VAL B 462 31.94 -20.73 0.76
C VAL B 462 32.54 -20.04 -0.48
N THR B 463 33.61 -19.25 -0.30
CA THR B 463 34.21 -18.50 -1.42
C THR B 463 34.99 -19.43 -2.33
N GLU B 464 35.32 -20.62 -1.83
CA GLU B 464 35.89 -21.69 -2.64
C GLU B 464 34.97 -22.89 -2.47
N PRO B 465 34.81 -23.69 -3.52
CA PRO B 465 34.11 -24.96 -3.37
C PRO B 465 34.83 -25.91 -2.41
N GLY B 466 34.09 -26.84 -1.85
CA GLY B 466 34.66 -28.01 -1.18
C GLY B 466 34.96 -27.96 0.31
N ALA B 467 34.44 -26.98 1.03
CA ALA B 467 34.54 -26.97 2.50
C ALA B 467 33.85 -28.17 3.10
N ALA B 468 34.44 -28.67 4.19
CA ALA B 468 33.85 -29.74 5.01
C ALA B 468 32.74 -29.16 5.91
N ILE B 469 31.76 -30.00 6.26
CA ILE B 469 30.71 -29.58 7.17
C ILE B 469 30.88 -30.25 8.53
N SER B 470 30.56 -29.54 9.61
CA SER B 470 30.56 -30.08 10.96
C SER B 470 29.36 -29.55 11.71
N THR B 471 28.99 -30.26 12.77
CA THR B 471 28.01 -29.75 13.70
C THR B 471 28.71 -28.84 14.68
N ARG B 472 28.51 -27.52 14.53
CA ARG B 472 29.12 -26.53 15.42
C ARG B 472 28.60 -26.71 16.83
N ALA B 473 27.32 -26.99 16.93
CA ALA B 473 26.69 -27.08 18.21
C ALA B 473 25.36 -27.72 18.05
N SER B 474 24.94 -28.39 19.11
CA SER B 474 23.69 -29.08 19.14
C SER B 474 22.97 -28.71 20.45
N PHE B 475 21.66 -28.45 20.35
CA PHE B 475 20.84 -28.03 21.49
C PHE B 475 19.62 -28.91 21.55
N VAL B 476 19.18 -29.23 22.75
CA VAL B 476 17.95 -29.96 22.94
C VAL B 476 17.00 -29.15 23.83
N TYR B 477 15.70 -29.25 23.54
CA TYR B 477 14.68 -28.63 24.38
C TYR B 477 13.71 -29.72 24.76
N GLN B 478 13.39 -29.80 26.05
CA GLN B 478 12.57 -30.90 26.56
C GLN B 478 11.29 -30.46 27.29
N LYS B 479 10.75 -29.30 26.97
CA LYS B 479 9.44 -28.88 27.48
C LYS B 479 9.45 -28.77 29.00
N ASP B 480 10.45 -28.08 29.52
CA ASP B 480 10.54 -27.81 30.94
C ASP B 480 11.26 -26.49 31.10
N GLN B 481 11.29 -25.99 32.32
CA GLN B 481 11.75 -24.67 32.61
C GLN B 481 13.24 -24.52 32.49
N THR B 482 13.96 -25.61 32.25
CA THR B 482 15.39 -25.47 32.05
C THR B 482 15.68 -24.93 30.64
N GLY B 483 14.74 -25.10 29.71
CA GLY B 483 14.91 -24.58 28.34
C GLY B 483 15.96 -25.33 27.53
N LEU B 484 16.74 -24.60 26.74
CA LEU B 484 17.67 -25.20 25.79
C LEU B 484 18.92 -25.70 26.51
N ARG B 485 19.33 -26.92 26.19
CA ARG B 485 20.56 -27.50 26.74
C ARG B 485 21.52 -27.80 25.60
N LYS B 486 22.75 -27.29 25.72
CA LYS B 486 23.80 -27.54 24.75
C LYS B 486 24.35 -28.95 24.96
N VAL B 487 24.18 -29.83 23.99
CA VAL B 487 24.62 -31.21 24.10
C VAL B 487 25.84 -31.53 23.23
N SER B 488 26.29 -30.54 22.47
CA SER B 488 27.47 -30.70 21.65
C SER B 488 28.03 -29.36 21.25
N SER B 489 29.35 -29.28 21.09
CA SER B 489 30.01 -28.07 20.65
C SER B 489 31.39 -28.44 20.09
N THR B 490 31.70 -27.94 18.90
CA THR B 490 32.95 -28.27 18.22
C THR B 490 33.47 -27.05 17.50
N THR B 491 34.76 -26.79 17.63
CA THR B 491 35.40 -25.70 16.93
C THR B 491 35.53 -26.10 15.45
N ILE B 492 35.45 -25.12 14.56
CA ILE B 492 35.43 -25.38 13.13
C ILE B 492 36.80 -25.17 12.56
N GLN B 493 37.37 -26.22 12.01
CA GLN B 493 38.69 -26.14 11.45
C GLN B 493 38.73 -25.31 10.19
N GLY B 494 39.67 -24.39 10.15
CA GLY B 494 39.88 -23.56 8.97
C GLY B 494 39.01 -22.31 8.93
N GLY B 495 38.20 -22.09 9.95
CA GLY B 495 37.30 -20.93 9.98
C GLY B 495 37.92 -19.75 10.72
N VAL B 496 37.65 -18.54 10.24
CA VAL B 496 38.02 -17.33 10.97
C VAL B 496 37.37 -17.40 12.35
N LYS B 497 38.12 -17.03 13.39
CA LYS B 497 37.64 -17.19 14.76
C LYS B 497 36.74 -16.04 15.18
N GLN B 498 37.20 -14.82 14.95
CA GLN B 498 36.42 -13.63 15.30
C GLN B 498 36.62 -12.55 14.25
N SER B 499 35.52 -12.01 13.72
CA SER B 499 35.58 -10.89 12.77
C SER B 499 35.27 -9.57 13.47
N ASP B 500 35.48 -8.45 12.77
CA ASP B 500 35.00 -7.17 13.30
C ASP B 500 33.63 -6.76 12.74
N GLU B 501 32.89 -7.71 12.18
CA GLU B 501 31.53 -7.43 11.69
C GLU B 501 30.60 -7.14 12.86
N VAL B 502 29.52 -6.38 12.60
CA VAL B 502 28.46 -6.14 13.56
C VAL B 502 27.15 -6.29 12.82
N GLU B 503 26.05 -6.44 13.54
CA GLU B 503 24.76 -6.67 12.88
C GLU B 503 24.44 -5.57 11.84
N GLU B 504 24.72 -4.30 12.19
CA GLU B 504 24.45 -3.15 11.30
C GLU B 504 25.07 -3.30 9.89
N ASP B 505 26.11 -4.12 9.76
CA ASP B 505 26.72 -4.34 8.44
C ASP B 505 25.77 -4.92 7.40
N ARG B 506 24.84 -5.77 7.82
CA ARG B 506 23.87 -6.32 6.88
C ARG B 506 22.98 -5.20 6.29
N PHE B 507 22.41 -4.35 7.15
CA PHE B 507 21.62 -3.19 6.71
C PHE B 507 22.47 -2.26 5.82
N PHE B 508 23.71 -2.00 6.26
CA PHE B 508 24.60 -1.07 5.55
C PHE B 508 24.93 -1.62 4.17
N SER B 509 25.16 -2.92 4.10
CA SER B 509 25.56 -3.54 2.86
C SER B 509 24.41 -3.56 1.84
N HIS B 510 23.18 -3.77 2.33
CA HIS B 510 21.98 -3.66 1.49
C HIS B 510 21.72 -2.21 1.02
N ASN B 511 22.06 -1.23 1.87
CA ASN B 511 21.89 0.18 1.49
C ASN B 511 22.92 0.61 0.45
N LYS B 512 24.16 0.16 0.61
CA LYS B 512 25.19 0.35 -0.41
C LYS B 512 24.75 -0.23 -1.74
N ALA B 513 24.11 -1.39 -1.72
CA ALA B 513 23.61 -2.02 -2.94
C ALA B 513 22.63 -1.09 -3.66
N HIS B 514 21.65 -0.60 -2.91
CA HIS B 514 20.64 0.34 -3.46
C HIS B 514 21.27 1.59 -4.06
N GLU B 515 22.27 2.13 -3.37
CA GLU B 515 23.01 3.30 -3.84
C GLU B 515 23.68 3.02 -5.18
N LYS B 516 24.40 1.90 -5.26
CA LYS B 516 25.01 1.48 -6.54
C LYS B 516 23.99 1.32 -7.67
N GLN B 517 22.80 0.79 -7.36
CA GLN B 517 21.70 0.72 -8.33
C GLN B 517 21.34 2.11 -8.84
N MET B 518 21.28 3.09 -7.92
CA MET B 518 20.96 4.47 -8.28
C MET B 518 22.09 5.12 -9.10
N ILE B 519 23.35 4.90 -8.70
CA ILE B 519 24.49 5.42 -9.47
C ILE B 519 24.52 4.87 -10.90
N LYS B 520 24.15 3.61 -11.07
CA LYS B 520 24.12 2.96 -12.39
C LYS B 520 23.13 3.64 -13.33
N LYS B 521 21.96 4.03 -12.81
CA LYS B 521 21.05 4.90 -13.55
C LYS B 521 21.73 6.28 -13.64
N ARG B 522 22.73 6.36 -14.52
CA ARG B 522 23.78 7.41 -14.47
C ARG B 522 23.27 8.75 -13.96
O1 PE5 C . -4.58 15.58 -31.66
C1 PE5 C . -4.04 16.41 -32.68
C2 PE5 C . -2.64 15.93 -33.09
O2 PE5 C . -1.65 16.79 -32.53
C3 PE5 C . -0.32 16.50 -32.96
C4 PE5 C . 0.21 15.24 -32.28
O3 PE5 C . 1.51 15.49 -31.79
C5 PE5 C . 1.75 15.21 -30.40
C6 PE5 C . 1.91 13.71 -30.14
O4 PE5 C . 0.87 13.22 -29.29
C7 PE5 C . 0.03 12.24 -29.93
C8 PE5 C . -0.94 11.60 -28.93
O5 PE5 C . -2.26 12.04 -29.21
C50 PE5 D . -37.08 28.69 -4.95
O1 PE5 D . -35.94 27.84 -5.04
C1 PE5 D . -34.86 28.37 -4.28
C2 PE5 D . -33.57 27.60 -4.44
O2 PE5 D . -32.83 27.67 -3.22
C3 PE5 D . -31.95 28.78 -3.06
C4 PE5 D . -31.12 28.59 -1.81
C48 PE5 E . 10.84 22.22 -11.25
C50 PE5 E . 10.69 20.88 -10.56
O1 PE5 E . 9.83 20.97 -9.41
C1 PE5 E . 10.46 20.86 -8.11
C2 PE5 E . 10.33 19.46 -7.51
O2 PE5 E . 11.50 18.63 -7.65
C1 EDO F . -17.89 14.65 21.41
O1 EDO F . -17.93 16.04 21.11
C2 EDO F . -16.47 14.18 21.61
O2 EDO F . -16.48 12.82 22.05
C1 EDO G . -14.22 40.36 14.81
O1 EDO G . -15.64 40.50 14.96
C2 EDO G . -13.81 38.90 14.82
O2 EDO G . -12.42 38.80 15.15
C48 PE5 H . -17.46 39.58 -12.30
C50 PE5 H . -18.05 40.27 -13.52
O1 PE5 H . -17.26 39.95 -14.67
C1 PE5 H . -17.98 39.68 -15.88
C2 PE5 H . -17.10 39.01 -16.93
O2 PE5 H . -16.52 39.97 -17.79
C3 PE5 H . -15.33 39.59 -18.50
C4 PE5 H . -14.71 40.85 -19.12
O3 PE5 H . -13.49 41.23 -18.46
C5 PE5 H . -13.63 42.46 -17.77
C6 PE5 H . -12.36 42.92 -17.06
O4 PE5 H . -12.72 43.79 -15.98
C7 PE5 H . -12.78 43.12 -14.73
C8 PE5 H . -13.48 43.91 -13.64
O5 PE5 H . -14.11 43.00 -12.74
C9 PE5 H . -13.30 42.81 -11.57
C1 EDO I . -21.47 13.44 -15.45
C1 EDO I . -19.49 14.58 -15.17
O1 EDO I . -21.68 14.85 -15.27
O1 EDO I . -19.99 15.25 -14.00
C2 EDO I . -20.44 12.93 -14.44
C2 EDO I . -20.30 13.35 -15.53
O2 EDO I . -20.96 11.79 -13.75
O2 EDO I . -19.92 12.87 -16.84
C48 PE5 J . -9.49 -0.11 14.41
C50 PE5 J . -9.12 1.28 14.95
O1 PE5 J . -8.34 2.06 14.02
C1 PE5 J . -8.70 1.88 12.63
C2 PE5 J . -8.10 2.97 11.73
O2 PE5 J . -7.00 3.65 12.33
C1 EDO K . -26.71 31.84 -15.38
O1 EDO K . -27.53 31.03 -14.53
C2 EDO K . -25.56 32.46 -14.61
O2 EDO K . -24.97 33.52 -15.35
C1 EDO L . 6.44 6.51 -3.63
O1 EDO L . 7.22 7.31 -2.75
C2 EDO L . 5.83 5.33 -2.90
O2 EDO L . 4.75 4.77 -3.61
C1 EDO M . 7.22 26.03 4.77
O1 EDO M . 7.03 27.20 5.58
C2 EDO M . 8.71 25.73 4.58
O2 EDO M . 9.22 25.08 5.73
C1 EDO N . -7.02 43.98 5.14
O1 EDO N . -7.44 45.08 5.96
C2 EDO N . -6.30 44.38 3.86
O2 EDO N . -6.87 43.67 2.73
C1 EDO O . -18.38 2.86 16.10
O1 EDO O . -17.96 4.09 16.72
C2 EDO O . -19.62 3.08 15.23
O2 EDO O . -19.84 1.96 14.35
C50 PE5 P . -48.21 21.87 -5.38
O1 PE5 P . -47.34 22.55 -4.48
C1 PE5 P . -46.57 23.59 -5.10
C2 PE5 P . -45.75 24.36 -4.06
O2 PE5 P . -44.35 24.32 -4.39
C3 PE5 P . -43.48 25.02 -3.46
C4 PE5 P . -42.99 24.12 -2.30
O3 PE5 P . -42.94 22.72 -2.60
C1 EDO Q . -13.74 0.35 10.48
O1 EDO Q . -13.23 1.13 9.38
C2 EDO Q . -14.69 -0.78 10.06
O2 EDO Q . -15.27 -0.50 8.79
C1 EDO R . -31.80 4.22 -3.90
O1 EDO R . -31.51 3.68 -2.61
C2 EDO R . -32.34 5.63 -3.75
O2 EDO R . -31.88 6.45 -4.83
C1 EDO S . -17.50 8.78 19.45
O1 EDO S . -17.04 9.90 20.25
C2 EDO S . -16.41 8.25 18.54
O2 EDO S . -16.94 7.23 17.68
C1 EDO T . 13.72 31.01 -9.25
O1 EDO T . 13.95 32.28 -8.61
C2 EDO T . 13.12 31.17 -10.64
O2 EDO T . 12.78 29.89 -11.17
C1 EDO U . -3.56 25.92 10.31
O1 EDO U . -4.44 25.89 11.46
C2 EDO U . -4.16 25.17 9.13
O2 EDO U . -4.19 25.96 7.91
C50 PE5 V . -12.94 4.84 -17.02
O1 PE5 V . -13.69 5.85 -16.35
C1 PE5 V . -13.94 7.03 -17.14
C2 PE5 V . -14.58 8.12 -16.29
O2 PE5 V . -16.01 8.00 -16.33
C3 PE5 V . -16.74 8.50 -15.19
C4 PE5 V . -18.05 7.77 -15.01
C48 PE5 W . 3.19 10.76 7.28
C50 PE5 W . 4.65 10.74 7.77
O1 PE5 W . 5.37 9.60 7.26
C1 PE5 W . 5.57 8.57 8.23
O1 PE5 X . -41.74 20.39 -22.55
C1 PE5 X . -41.92 19.45 -21.50
C2 PE5 X . -43.37 19.48 -20.98
O2 PE5 X . -43.60 20.68 -20.23
C3 PE5 X . -44.71 20.62 -19.32
C4 PE5 X . -45.06 22.03 -18.87
C50 PE5 Y . -41.64 5.30 8.06
O1 PE5 Y . -40.61 6.11 8.64
C1 PE5 Y . -40.66 6.13 10.09
C2 PE5 Y . -39.73 7.21 10.66
O2 PE5 Y . -40.04 7.60 12.02
C3 PE5 Y . -39.06 8.44 12.64
C4 PE5 Y . -39.14 9.88 12.14
C50 PE5 Z . -12.12 26.33 24.32
O1 PE5 Z . -12.05 27.01 23.05
C1 PE5 Z . -12.85 28.19 23.03
C2 PE5 Z . -13.18 28.54 21.58
O2 PE5 Z . -13.94 29.76 21.45
C3 PE5 Z . -13.07 30.90 21.44
C4 PE5 Z . -12.22 30.91 20.18
C1 EDO AA . 5.54 39.87 -8.37
O1 EDO AA . 4.66 40.06 -9.49
C2 EDO AA . 4.71 39.64 -7.12
O2 EDO AA . 3.32 39.68 -7.50
C1 EDO BA . -29.15 27.31 -10.81
O1 EDO BA . -29.37 26.05 -10.19
C2 EDO BA . -27.98 27.22 -11.75
O2 EDO BA . -28.02 28.38 -12.58
C1 EDO CA . -23.23 -1.00 -2.01
O1 EDO CA . -22.12 -0.23 -2.49
C2 EDO CA . -23.84 -0.40 -0.74
O2 EDO CA . -24.02 -1.39 0.26
C1 EDO DA . -19.13 -1.96 -1.00
O1 EDO DA . -19.90 -3.05 -1.49
C2 EDO DA . -19.91 -1.12 0.01
O2 EDO DA . -19.52 0.25 -0.08
C1 EDO EA . -21.04 6.77 15.28
O1 EDO EA . -21.37 5.66 16.13
C2 EDO EA . -20.37 7.92 16.05
O2 EDO EA . -20.77 9.19 15.52
C1 EDO FA . -1.61 45.21 -6.15
O1 EDO FA . -2.24 45.85 -5.04
C2 EDO FA . -0.45 46.01 -6.69
O2 EDO FA . -0.13 45.53 -8.00
C1 EDO GA . -28.73 25.72 11.88
O1 EDO GA . -29.99 25.21 11.45
C2 EDO GA . -27.77 25.74 10.71
O2 EDO GA . -26.69 26.66 10.89
O1 PE5 HA . -2.12 -0.36 -3.60
C1 PE5 HA . -2.24 -0.79 -4.95
C2 PE5 HA . -2.84 -2.19 -5.04
O2 PE5 HA . -4.26 -2.13 -5.23
C3 PE5 HA . -4.94 -3.40 -5.30
C4 PE5 HA . -4.86 -4.18 -3.98
O3 PE5 HA . -6.14 -4.49 -3.41
C5 PE5 HA . -6.05 -5.16 -2.14
C6 PE5 HA . -5.92 -4.17 -0.99
O4 PE5 HA . -4.72 -4.38 -0.21
C7 PE5 HA . -3.83 -3.24 -0.17
C8 PE5 HA . -2.85 -3.39 0.97
C1 EDO IA . -13.06 16.54 -24.91
O1 EDO IA . -13.99 17.62 -25.06
C2 EDO IA . -13.60 15.24 -25.47
O2 EDO IA . -12.90 14.14 -24.90
NA NA JA . 2.49 8.94 3.34
C1 EDO KA . 10.07 30.17 -12.67
O1 EDO KA . 10.10 30.30 -11.23
C2 EDO KA . 8.75 30.53 -13.33
O2 EDO KA . 8.01 29.43 -13.90
C50 PE5 LA . -29.74 -3.81 -2.12
O1 PE5 LA . -28.56 -3.02 -1.86
C1 PE5 LA . -27.88 -2.56 -3.05
C2 PE5 LA . -27.27 -1.16 -2.90
O2 PE5 LA . -27.11 -0.48 -4.16
C3 PE5 LA . -28.27 0.23 -4.62
C4 PE5 LA . -27.92 1.31 -5.61
C50 PE5 MA . -35.91 32.74 -9.88
O1 PE5 MA . -35.39 31.80 -8.93
C1 PE5 MA . -35.30 32.37 -7.63
C2 PE5 MA . -34.69 31.40 -6.63
O2 PE5 MA . -33.33 31.14 -7.00
C3 PE5 MA . -32.41 31.15 -5.90
C4 PE5 MA . -31.04 30.81 -6.43
NA NA NA . -5.69 10.10 12.48
FE FE OA . -8.05 21.37 4.11
CA CA PA . -6.50 18.53 1.86
CA CA QA . -3.63 17.18 4.50
P PO4 RA . -5.41 20.15 4.41
O1 PO4 RA . -4.10 20.76 4.71
O2 PO4 RA . -5.40 18.74 3.88
O3 PO4 RA . -6.43 20.43 5.50
O4 PO4 RA . -6.00 20.81 3.12
NA NA SA . 10.10 2.64 -8.53
O1 PE5 TA . -8.49 -25.26 23.15
C1 PE5 TA . -9.16 -25.60 24.36
C2 PE5 TA . -8.32 -25.18 25.57
O2 PE5 TA . -8.43 -23.78 25.76
C3 PE5 TA . -9.02 -23.36 27.00
C4 PE5 TA . -8.48 -21.98 27.39
O3 PE5 TA . -8.77 -21.03 26.37
C5 PE5 TA . -8.40 -19.70 26.73
C6 PE5 TA . -8.58 -18.74 25.55
O4 PE5 TA . -9.09 -19.45 24.41
C7 PE5 TA . -9.18 -18.60 23.25
C8 PE5 TA . -10.11 -19.24 22.22
O5 PE5 TA . -9.54 -20.45 21.69
C50 PE5 UA . 18.33 -42.41 -7.32
O1 PE5 UA . 17.70 -41.28 -6.73
C1 PE5 UA . 18.62 -40.21 -6.54
C2 PE5 UA . 17.95 -39.01 -5.88
O2 PE5 UA . 18.94 -38.27 -5.13
C3 PE5 UA . 19.83 -37.48 -5.94
C4 PE5 UA . 20.52 -36.42 -5.10
C48 PE5 VA . 10.34 -6.56 24.51
C50 PE5 VA . 10.90 -5.88 23.26
O1 PE5 VA . 9.85 -5.28 22.49
C1 PE5 VA . 10.25 -4.62 21.26
C2 PE5 VA . 10.18 -3.09 21.43
O2 PE5 VA . 8.87 -2.57 21.21
C1 EDO WA . 25.12 -9.42 -16.37
O1 EDO WA . 26.37 -9.85 -15.81
C2 EDO WA . 25.22 -8.07 -17.08
O2 EDO WA . 24.41 -7.11 -16.40
C1 EDO XA . 40.05 -20.60 2.44
O1 EDO XA . 40.17 -21.58 1.40
C2 EDO XA . 39.04 -19.54 2.05
O2 EDO XA . 39.36 -18.33 2.75
C48 PE5 YA . 21.64 -35.89 15.43
C50 PE5 YA . 21.42 -37.39 15.56
O1 PE5 YA . 20.39 -37.64 16.54
C1 PE5 YA . 19.62 -38.80 16.24
C2 PE5 YA . 18.43 -38.94 17.19
O2 PE5 YA . 18.43 -37.92 18.19
C3 PE5 YA . 17.24 -37.90 18.97
C4 PE5 YA . 17.48 -37.13 20.27
O3 PE5 YA . 18.72 -37.55 20.87
C5 PE5 YA . 19.32 -36.73 21.89
C6 PE5 YA . 20.76 -37.17 22.01
O4 PE5 YA . 21.58 -36.22 22.68
C7 PE5 YA . 22.43 -35.39 21.90
C8 PE5 YA . 23.55 -36.07 21.14
O5 PE5 YA . 24.06 -35.16 20.14
C9 PE5 YA . 24.01 -35.74 18.84
C1 EDO ZA . 0.44 -28.87 2.89
O1 EDO ZA . 1.79 -28.37 2.89
C2 EDO ZA . -0.43 -28.11 1.90
O2 EDO ZA . 0.23 -27.94 0.62
C48 PE5 AB . 12.10 1.20 -13.93
C50 PE5 AB . 11.01 0.14 -13.78
O1 PE5 AB . 11.00 -0.37 -12.44
C1 PE5 AB . 9.70 -0.77 -11.99
C2 PE5 AB . 9.77 -1.59 -10.70
O2 PE5 AB . 10.34 -0.89 -9.60
C1 EDO BB . 14.57 -40.48 6.49
O1 EDO BB . 13.78 -41.55 5.97
C2 EDO BB . 14.42 -40.34 8.00
O2 EDO BB . 15.69 -40.54 8.61
C48 PE5 CB . 32.57 -21.24 23.23
C50 PE5 CB . 31.64 -22.19 22.49
O1 PE5 CB . 32.20 -23.51 22.41
C1 PE5 CB . 33.25 -23.69 21.43
C2 PE5 CB . 34.46 -24.47 21.93
O2 PE5 CB . 34.25 -25.89 21.84
C3 PE5 CB . 34.72 -26.63 22.98
C4 PE5 CB . 33.61 -27.50 23.54
O3 PE5 CB . 33.42 -27.28 24.94
C5 PE5 CB . 32.09 -26.88 25.34
C6 PE5 CB . 31.31 -27.98 26.06
O4 PE5 CB . 30.16 -28.41 25.30
C7 PE5 CB . 29.08 -28.97 26.06
C8 PE5 CB . 28.48 -30.15 25.33
O5 PE5 CB . 28.62 -31.35 26.09
C1 EDO DB . 22.89 -3.07 14.92
O1 EDO DB . 24.27 -3.44 15.04
C2 EDO DB . 22.56 -1.80 15.71
O2 EDO DB . 23.28 -0.69 15.20
C1 EDO EB . 36.72 -21.64 14.24
O1 EDO EB . 38.08 -22.07 14.12
C2 EDO EB . 36.10 -21.90 15.61
O2 EDO EB . 34.91 -22.69 15.51
C1 EDO FB . 13.00 -6.67 -20.16
O1 EDO FB . 13.97 -6.06 -19.31
C2 EDO FB . 12.91 -8.15 -19.84
O2 EDO FB . 11.59 -8.63 -20.06
C50 PE5 GB . 12.57 -48.26 -17.50
O1 PE5 GB . 13.76 -47.46 -17.36
C1 PE5 GB . 14.43 -47.65 -16.09
C2 PE5 GB . 15.66 -46.75 -15.97
O2 PE5 GB . 16.09 -46.55 -14.61
C3 PE5 GB . 16.03 -45.24 -14.01
C4 PE5 GB . 16.74 -44.10 -14.76
O3 PE5 GB . 15.79 -43.20 -15.37
C1 EDO HB . 6.99 -4.88 -14.50
O1 EDO HB . 7.28 -5.66 -13.33
C2 EDO HB . 6.52 -5.75 -15.67
O2 EDO HB . 5.55 -6.67 -15.17
C1 EDO IB . 0.46 -27.63 -16.56
O1 EDO IB . 1.04 -26.44 -17.07
C2 EDO IB . 0.95 -27.88 -15.14
O2 EDO IB . 2.07 -28.77 -15.15
C1 EDO JB . 19.17 -7.29 -18.20
O1 EDO JB . 20.54 -7.06 -17.79
C2 EDO JB . 18.24 -6.19 -17.69
O2 EDO JB . 17.11 -6.74 -17.02
C1 EDO KB . 19.75 -6.29 30.96
O1 EDO KB . 20.57 -7.37 31.43
C2 EDO KB . 18.58 -6.80 30.11
O2 EDO KB . 18.14 -8.07 30.60
C1 EDO LB . 25.69 -9.44 5.65
O1 EDO LB . 25.08 -9.23 4.38
C2 EDO LB . 25.36 -10.81 6.22
O2 EDO LB . 26.38 -11.13 7.20
C50 PE5 MB . -7.05 -19.47 3.72
O1 PE5 MB . -6.82 -20.89 3.88
C1 PE5 MB . -5.48 -21.20 4.27
C2 PE5 MB . -5.14 -22.65 3.92
O2 PE5 MB . -3.91 -22.74 3.20
C3 PE5 MB . -3.80 -23.94 2.38
C4 PE5 MB . -4.33 -23.74 0.98
C48 PE5 NB . 13.28 1.81 3.32
C50 PE5 NB . 13.54 3.19 3.92
O1 PE5 NB . 12.57 4.17 3.49
C1 PE5 NB . 13.14 5.44 3.13
O1 PE5 OB . 0.69 -50.88 -4.19
C1 PE5 OB . -0.07 -50.97 -5.40
C2 PE5 OB . 0.81 -50.80 -6.64
O2 PE5 OB . 2.00 -51.60 -6.56
C3 PE5 OB . 2.78 -51.61 -7.76
C4 PE5 OB . 4.02 -52.45 -7.55
C50 PE5 PB . 2.89 -49.11 -16.32
O1 PE5 PB . 2.23 -49.77 -15.22
C1 PE5 PB . 0.90 -49.31 -14.94
C2 PE5 PB . 0.86 -48.43 -13.69
O2 PE5 PB . -0.32 -47.61 -13.65
C3 PE5 PB . -1.31 -47.94 -12.66
C4 PE5 PB . -1.58 -46.74 -11.78
C50 PE5 QB . 9.40 -29.17 -28.78
O1 PE5 QB . 10.62 -28.87 -29.45
C1 PE5 QB . 11.53 -28.12 -28.64
C2 PE5 QB . 12.61 -27.43 -29.49
O2 PE5 QB . 13.58 -26.76 -28.66
C3 PE5 QB . 14.96 -27.09 -28.89
C4 PE5 QB . 15.64 -27.47 -27.59
C50 PE5 RB . 36.98 -10.33 -8.47
O1 PE5 RB . 36.16 -9.79 -7.43
C1 PE5 RB . 36.52 -10.30 -6.16
C2 PE5 RB . 35.98 -11.72 -6.00
O2 PE5 RB . 36.97 -12.70 -6.30
C3 PE5 RB . 38.04 -12.72 -5.34
C4 PE5 RB . 39.37 -12.31 -5.96
C1 EDO SB . 24.55 -18.96 27.75
O1 EDO SB . 24.25 -18.11 28.85
C2 EDO SB . 24.68 -18.15 26.47
O2 EDO SB . 26.04 -17.70 26.38
C1 EDO TB . 14.00 -38.67 0.87
O1 EDO TB . 13.00 -38.32 -0.09
C2 EDO TB . 13.49 -39.71 1.87
O2 EDO TB . 13.07 -39.03 3.04
C1 EDO UB . -2.82 -17.46 -13.69
O1 EDO UB . -2.00 -17.28 -12.54
C2 EDO UB . -2.02 -18.26 -14.72
O2 EDO UB . -0.84 -17.55 -15.11
C1 EDO VB . 15.36 -10.94 -18.94
O1 EDO VB . 15.09 -10.80 -20.35
C2 EDO VB . 16.83 -10.70 -18.52
O2 EDO VB . 17.38 -11.82 -17.79
C1 EDO WB . 30.31 -23.89 25.27
O1 EDO WB . 31.61 -23.92 24.67
C2 EDO WB . 30.37 -24.05 26.77
O2 EDO WB . 29.21 -23.41 27.32
C50 PE5 XB . 3.54 -50.71 1.95
O1 PE5 XB . 4.27 -51.86 1.53
C1 PE5 XB . 5.54 -51.94 2.18
C2 PE5 XB . 6.46 -52.94 1.48
O2 PE5 XB . 6.05 -53.18 0.14
C3 PE5 XB . 6.25 -52.09 -0.76
C4 PE5 XB . 7.70 -52.02 -1.25
O3 PE5 XB . 7.83 -52.72 -2.49
C1 EDO YB . 27.86 -26.52 -10.14
O1 EDO YB . 26.70 -26.47 -10.97
C2 EDO YB . 28.27 -25.13 -9.69
O2 EDO YB . 28.97 -25.22 -8.45
C1 EDO ZB . -4.64 -15.83 -3.84
O1 EDO ZB . -5.38 -16.09 -5.03
C2 EDO ZB . -5.53 -15.86 -2.61
O2 EDO ZB . -4.96 -15.01 -1.60
C1 EDO AC . -3.13 -28.75 14.14
O1 EDO AC . -2.73 -30.14 14.15
C2 EDO AC . -4.56 -28.53 14.59
O2 EDO AC . -5.33 -28.15 13.45
NA NA BC . 9.34 -0.10 4.23
C1 EDO CC . 15.80 -10.88 28.12
O1 EDO CC . 16.27 -9.56 28.48
C2 EDO CC . 14.77 -11.41 29.12
O2 EDO CC . 14.11 -12.57 28.59
C50 PE5 DC . -3.73 -21.23 -19.98
O1 PE5 DC . -2.86 -20.91 -18.88
C1 PE5 DC . -3.47 -21.06 -17.58
C2 PE5 DC . -2.49 -21.56 -16.50
O2 PE5 DC . -3.11 -22.57 -15.65
C3 PE5 DC . -2.34 -23.73 -15.27
C4 PE5 DC . -3.04 -25.04 -15.61
C50 PE5 EC . 18.30 -44.28 -3.06
O1 PE5 EC . 19.07 -43.13 -3.40
C1 PE5 EC . 19.14 -42.25 -2.27
C2 PE5 EC . 19.75 -40.87 -2.55
O2 PE5 EC . 18.99 -39.87 -1.86
C3 PE5 EC . 19.10 -39.89 -0.43
C4 PE5 EC . 18.01 -39.07 0.24
NA NA FC . 16.08 -2.23 -5.80
FE FE GC . 19.05 -13.06 3.06
CA CA HC . 15.44 -11.81 3.97
CA CA IC . 16.20 -7.72 3.64
P PO4 JC . 18.37 -10.40 4.04
O1 PO4 JC . 19.03 -9.49 5.00
O2 PO4 JC . 16.95 -10.02 3.70
O3 PO4 JC . 19.25 -10.79 2.87
O4 PO4 JC . 18.02 -11.74 4.69
NA NA KC . -3.39 2.29 12.86
#